data_8BDO
#
_entry.id   8BDO
#
_cell.length_a   62.306
_cell.length_b   67.256
_cell.length_c   349.704
_cell.angle_alpha   90.000
_cell.angle_beta   90.000
_cell.angle_gamma   90.000
#
_symmetry.space_group_name_H-M   'C 2 2 21'
#
loop_
_entity.id
_entity.type
_entity.pdbx_description
1 polymer Elongin-B
2 polymer Elongin-C
3 polymer 'von Hippel-Lindau disease tumor suppressor'
4 non-polymer (2~{S},4~{R})-1-[(2~{R})-3-methyl-2-(3-methyl-1,2-oxazol-5-yl)butanoyl]-~{N}-[4-(4-methyl-1,3-thiazol-5-yl)phenoxy]-4-oxidanyl-pyrrolidine-2-carboxamide
5 water water
#
loop_
_entity_poly.entity_id
_entity_poly.type
_entity_poly.pdbx_seq_one_letter_code
_entity_poly.pdbx_strand_id
1 'polypeptide(L)'
;MDVFLMIRRHKTTIFTDAKESSTVFELKRIVEGILKRPPDEQRLYKDDQLLDDGKTLGECGFTSQTARPQAPATVGLAFR
ADDTFEAL(CAS)IEPFSSPPELPDVMK
;
A,D
2 'polypeptide(L)'
;MMYVKLISSDGHEFIVKREHALTSGTIKAMLSGPGQFAENETNEVNFREIPSHVLSKVCMYFTYKVRYTNSSTEIPEFPI
APEIALELLMAANFLDC
;
B,E
3 'polypeptide(L)'
;GSMEAGRPRPVLRSVNSREPSQVIF(CAS)NRSPRVVLPVWLNFDGEPQPYPTLPPGTGRRIHSYRGHLWLFRDAGTHDG
LLVNQTELFVPSLNVDGQPIFANITLPVYTLKERCLQVVRSLVKPENYRRLDIVRSLYEDLEDHPNVQKDLERLTQERIA
HQRMGD
;
C,F
#
loop_
_chem_comp.id
_chem_comp.type
_chem_comp.name
_chem_comp.formula
QFF non-polymer (2~{S},4~{R})-1-[(2~{R})-3-methyl-2-(3-methyl-1,2-oxazol-5-yl)butanoyl]-~{N}-[4-(4-methyl-1,3-thiazol-5-yl)phenoxy]-4-oxidanyl-pyrrolidine-2-carboxamide 'C24 H28 N4 O5 S'
#
# COMPACT_ATOMS: atom_id res chain seq x y z
N MET A 1 -34.67 15.91 3.45
CA MET A 1 -34.20 14.50 3.64
C MET A 1 -34.36 13.74 2.32
N ASP A 2 -33.54 12.73 2.07
CA ASP A 2 -33.62 11.85 0.87
C ASP A 2 -34.58 10.69 1.15
N VAL A 3 -35.24 10.20 0.12
CA VAL A 3 -36.13 9.01 0.19
C VAL A 3 -35.80 8.09 -0.99
N PHE A 4 -35.77 6.77 -0.74
CA PHE A 4 -35.37 5.73 -1.71
C PHE A 4 -36.55 4.79 -1.91
N LEU A 5 -36.83 4.41 -3.17
CA LEU A 5 -38.13 3.85 -3.62
C LEU A 5 -37.95 2.72 -4.65
N MET A 6 -38.81 1.70 -4.58
CA MET A 6 -39.11 0.73 -5.68
C MET A 6 -40.48 1.10 -6.30
N ILE A 7 -40.49 1.76 -7.47
CA ILE A 7 -41.72 1.97 -8.30
C ILE A 7 -42.00 0.70 -9.11
N ARG A 8 -43.13 0.04 -8.87
CA ARG A 8 -43.39 -1.35 -9.33
C ARG A 8 -44.73 -1.49 -10.07
N ARG A 9 -44.67 -1.88 -11.35
CA ARG A 9 -45.81 -2.29 -12.20
C ARG A 9 -45.51 -3.70 -12.73
N HIS A 10 -46.27 -4.72 -12.31
CA HIS A 10 -46.16 -6.13 -12.78
C HIS A 10 -44.77 -6.67 -12.44
N LYS A 11 -43.96 -7.00 -13.46
CA LYS A 11 -42.59 -7.58 -13.32
C LYS A 11 -41.59 -6.46 -13.10
N THR A 12 -41.72 -5.39 -13.87
CA THR A 12 -40.86 -4.17 -13.82
C THR A 12 -40.81 -3.61 -12.40
N THR A 13 -39.60 -3.46 -11.86
CA THR A 13 -39.25 -2.76 -10.59
C THR A 13 -38.20 -1.70 -10.92
N ILE A 14 -38.33 -0.49 -10.37
CA ILE A 14 -37.46 0.68 -10.67
C ILE A 14 -36.96 1.28 -9.35
N PHE A 15 -35.65 1.18 -9.10
CA PHE A 15 -35.02 1.80 -7.91
C PHE A 15 -34.78 3.27 -8.24
N THR A 16 -35.21 4.17 -7.37
CA THR A 16 -34.94 5.62 -7.54
C THR A 16 -34.99 6.34 -6.18
N ASP A 17 -34.34 7.49 -6.14
CA ASP A 17 -34.29 8.38 -4.95
C ASP A 17 -35.01 9.68 -5.32
N ALA A 18 -35.35 10.46 -4.29
CA ALA A 18 -35.97 11.79 -4.36
C ALA A 18 -35.83 12.44 -2.97
N LYS A 19 -36.29 13.69 -2.84
CA LYS A 19 -36.33 14.44 -1.56
C LYS A 19 -37.75 14.31 -0.98
N GLU A 20 -37.89 14.31 0.35
CA GLU A 20 -39.20 14.26 1.04
C GLU A 20 -40.13 15.29 0.41
N SER A 21 -39.68 16.53 0.22
CA SER A 21 -40.51 17.70 -0.21
C SER A 21 -40.70 17.75 -1.74
N SER A 22 -40.12 16.82 -2.49
CA SER A 22 -40.47 16.57 -3.92
C SER A 22 -41.88 15.96 -3.98
N THR A 23 -42.58 16.12 -5.12
CA THR A 23 -44.02 15.76 -5.33
C THR A 23 -44.16 14.39 -5.98
N VAL A 24 -45.37 13.84 -5.93
CA VAL A 24 -45.76 12.55 -6.60
C VAL A 24 -45.70 12.75 -8.12
N PHE A 25 -45.86 13.97 -8.62
CA PHE A 25 -45.87 14.30 -10.08
C PHE A 25 -44.44 14.20 -10.62
N GLU A 26 -43.45 14.61 -9.85
CA GLU A 26 -42.02 14.49 -10.22
C GLU A 26 -41.65 13.00 -10.33
N LEU A 27 -42.30 12.16 -9.52
CA LEU A 27 -42.12 10.68 -9.51
C LEU A 27 -42.73 10.07 -10.78
N LYS A 28 -43.79 10.68 -11.32
CA LYS A 28 -44.46 10.27 -12.58
C LYS A 28 -43.62 10.71 -13.79
N ARG A 29 -42.84 11.80 -13.65
CA ARG A 29 -41.90 12.33 -14.69
C ARG A 29 -40.75 11.32 -14.84
N ILE A 30 -40.23 10.83 -13.69
CA ILE A 30 -39.15 9.80 -13.63
C ILE A 30 -39.59 8.61 -14.49
N VAL A 31 -40.77 8.06 -14.23
CA VAL A 31 -41.30 6.84 -14.93
C VAL A 31 -41.43 7.15 -16.43
N GLU A 32 -41.73 8.41 -16.80
CA GLU A 32 -41.95 8.83 -18.21
C GLU A 32 -40.66 8.65 -19.00
N GLY A 33 -39.54 9.19 -18.51
CA GLY A 33 -38.23 9.08 -19.14
C GLY A 33 -37.83 7.63 -19.38
N ILE A 34 -38.19 6.75 -18.44
CA ILE A 34 -37.74 5.32 -18.37
C ILE A 34 -38.68 4.45 -19.22
N LEU A 35 -40.00 4.58 -19.02
CA LEU A 35 -41.00 3.65 -19.64
C LEU A 35 -41.77 4.31 -20.80
N LYS A 36 -41.57 5.61 -21.06
CA LYS A 36 -42.03 6.36 -22.27
C LYS A 36 -43.57 6.47 -22.31
N ARG A 37 -44.22 6.50 -21.14
CA ARG A 37 -45.68 6.80 -20.95
C ARG A 37 -45.83 8.12 -20.21
N PRO A 38 -46.56 9.13 -20.75
CA PRO A 38 -46.65 10.44 -20.11
C PRO A 38 -47.32 10.38 -18.75
N PRO A 39 -47.15 11.42 -17.89
CA PRO A 39 -47.63 11.37 -16.51
C PRO A 39 -49.16 11.21 -16.36
N ASP A 40 -49.93 11.71 -17.33
CA ASP A 40 -51.42 11.61 -17.35
C ASP A 40 -51.86 10.15 -17.58
N GLU A 41 -50.96 9.27 -18.03
CA GLU A 41 -51.24 7.84 -18.35
C GLU A 41 -50.87 6.96 -17.16
N GLN A 42 -50.40 7.54 -16.05
CA GLN A 42 -49.90 6.80 -14.86
C GLN A 42 -50.82 7.03 -13.67
N ARG A 43 -50.80 6.09 -12.71
CA ARG A 43 -51.47 6.21 -11.40
C ARG A 43 -50.59 5.57 -10.33
N LEU A 44 -50.22 6.36 -9.32
CA LEU A 44 -49.27 5.93 -8.25
C LEU A 44 -50.06 5.64 -6.97
N TYR A 45 -49.86 4.44 -6.44
CA TYR A 45 -50.48 3.90 -5.21
C TYR A 45 -49.42 3.80 -4.10
N LYS A 46 -49.78 4.12 -2.86
CA LYS A 46 -49.09 3.65 -1.64
C LYS A 46 -50.00 2.61 -0.99
N ASP A 47 -49.69 1.33 -1.20
CA ASP A 47 -50.44 0.17 -0.65
C ASP A 47 -51.87 0.18 -1.21
N ASP A 48 -52.05 0.56 -2.48
CA ASP A 48 -53.34 0.49 -3.23
C ASP A 48 -54.24 1.71 -2.91
N GLN A 49 -53.75 2.69 -2.14
CA GLN A 49 -54.41 4.01 -1.94
C GLN A 49 -53.88 4.97 -3.01
N LEU A 50 -54.75 5.51 -3.88
CA LEU A 50 -54.33 6.44 -4.96
C LEU A 50 -53.75 7.71 -4.33
N LEU A 51 -52.69 8.26 -4.94
CA LEU A 51 -51.92 9.43 -4.47
C LEU A 51 -52.20 10.65 -5.38
N ASP A 52 -52.50 11.80 -4.77
CA ASP A 52 -52.68 13.11 -5.46
C ASP A 52 -51.31 13.64 -5.90
N ASP A 53 -51.14 13.92 -7.20
CA ASP A 53 -49.94 14.55 -7.81
C ASP A 53 -49.41 15.71 -6.98
N GLY A 54 -50.28 16.63 -6.56
CA GLY A 54 -49.86 17.88 -5.88
C GLY A 54 -49.18 17.63 -4.54
N LYS A 55 -49.39 16.46 -3.94
CA LYS A 55 -48.91 16.11 -2.58
C LYS A 55 -47.40 15.80 -2.63
N THR A 56 -46.64 16.28 -1.63
CA THR A 56 -45.21 15.96 -1.39
C THR A 56 -45.11 14.52 -0.86
N LEU A 57 -43.97 13.86 -1.04
CA LEU A 57 -43.74 12.44 -0.63
C LEU A 57 -43.72 12.32 0.91
N GLY A 58 -43.27 13.34 1.63
CA GLY A 58 -43.31 13.39 3.10
C GLY A 58 -44.72 13.45 3.64
N GLU A 59 -45.62 14.11 2.90
CA GLU A 59 -47.08 14.19 3.19
C GLU A 59 -47.67 12.77 3.05
N CYS A 60 -47.19 11.98 2.08
CA CYS A 60 -47.71 10.62 1.75
C CYS A 60 -47.04 9.54 2.62
N GLY A 61 -46.21 9.92 3.60
CA GLY A 61 -45.59 9.00 4.59
C GLY A 61 -44.39 8.24 4.02
N PHE A 62 -43.76 8.77 2.96
CA PHE A 62 -42.43 8.37 2.44
C PHE A 62 -41.36 9.32 2.99
N THR A 63 -40.84 8.98 4.17
CA THR A 63 -39.84 9.78 4.90
C THR A 63 -38.49 9.11 4.67
N SER A 64 -37.42 9.79 5.10
CA SER A 64 -36.05 9.21 5.21
C SER A 64 -36.08 7.95 6.08
N GLN A 65 -36.93 7.88 7.10
CA GLN A 65 -36.93 6.78 8.13
C GLN A 65 -37.85 5.62 7.68
N THR A 66 -38.51 5.72 6.52
CA THR A 66 -39.29 4.61 5.90
C THR A 66 -38.69 4.26 4.54
N ALA A 67 -38.35 5.27 3.74
CA ALA A 67 -37.79 5.09 2.39
C ALA A 67 -36.25 5.15 2.47
N ARG A 68 -35.64 4.07 2.98
CA ARG A 68 -34.18 3.97 3.29
C ARG A 68 -33.49 3.23 2.13
N PRO A 69 -32.22 3.55 1.79
CA PRO A 69 -31.53 2.88 0.69
C PRO A 69 -31.57 1.34 0.78
N GLN A 70 -31.37 0.81 1.99
CA GLN A 70 -31.32 -0.64 2.33
C GLN A 70 -32.73 -1.23 2.37
N ALA A 71 -33.75 -0.40 2.60
CA ALA A 71 -35.18 -0.81 2.71
C ALA A 71 -36.07 0.24 2.05
N PRO A 72 -36.01 0.40 0.70
CA PRO A 72 -36.78 1.43 0.01
C PRO A 72 -38.28 1.12 0.06
N ALA A 73 -39.11 2.16 0.10
CA ALA A 73 -40.60 2.03 0.16
C ALA A 73 -41.15 1.72 -1.23
N THR A 74 -42.06 0.75 -1.35
CA THR A 74 -42.73 0.40 -2.63
C THR A 74 -43.71 1.52 -3.04
N VAL A 75 -43.79 1.77 -4.34
CA VAL A 75 -44.76 2.70 -5.01
C VAL A 75 -45.41 1.95 -6.18
N GLY A 76 -46.73 1.77 -6.14
CA GLY A 76 -47.51 0.99 -7.13
C GLY A 76 -47.84 1.83 -8.36
N LEU A 77 -47.64 1.27 -9.55
CA LEU A 77 -47.86 1.98 -10.84
C LEU A 77 -48.94 1.25 -11.64
N ALA A 78 -49.89 2.04 -12.15
CA ALA A 78 -50.96 1.60 -13.07
C ALA A 78 -50.91 2.51 -14.32
N PHE A 79 -51.02 1.91 -15.50
CA PHE A 79 -51.09 2.63 -16.80
C PHE A 79 -52.52 2.60 -17.33
N ARG A 80 -52.82 3.50 -18.27
CA ARG A 80 -54.16 3.73 -18.86
C ARG A 80 -54.41 2.77 -20.04
N ASP A 82 -55.91 1.82 -23.26
CA ASP A 82 -55.70 3.29 -23.44
C ASP A 82 -57.02 4.06 -23.30
N ASP A 83 -58.05 3.48 -22.65
CA ASP A 83 -59.38 4.10 -22.40
C ASP A 83 -59.53 4.40 -20.90
N THR A 84 -59.32 3.39 -20.06
CA THR A 84 -59.41 3.46 -18.58
C THR A 84 -58.12 2.90 -17.95
N PHE A 85 -57.94 3.10 -16.64
CA PHE A 85 -56.75 2.67 -15.87
C PHE A 85 -56.88 1.21 -15.49
N GLU A 86 -55.76 0.47 -15.60
CA GLU A 86 -55.67 -0.98 -15.31
C GLU A 86 -55.77 -1.18 -13.80
N ALA A 87 -56.19 -2.36 -13.37
CA ALA A 87 -56.10 -2.81 -11.95
C ALA A 87 -54.62 -2.83 -11.60
N LEU A 88 -54.25 -2.28 -10.44
CA LEU A 88 -52.88 -2.41 -9.87
C LEU A 88 -52.59 -3.91 -9.76
N CAS A 89 -51.56 -4.36 -10.50
CA CAS A 89 -51.10 -5.73 -10.46
CB CAS A 89 -51.56 -6.52 -11.69
C CAS A 89 -49.58 -5.66 -10.31
O CAS A 89 -48.88 -5.43 -11.29
SG CAS A 89 -50.78 -8.09 -11.90
AS CAS A 89 -51.61 -9.35 -10.21
CE1 CAS A 89 -51.59 -11.32 -10.59
CE2 CAS A 89 -50.59 -9.02 -8.52
N ILE A 90 -49.10 -5.80 -9.07
CA ILE A 90 -47.68 -5.87 -8.77
C ILE A 90 -47.33 -7.34 -8.54
N GLU A 91 -46.62 -7.96 -9.49
CA GLU A 91 -46.24 -9.39 -9.41
C GLU A 91 -45.29 -9.58 -8.24
N PRO A 92 -45.55 -10.54 -7.33
CA PRO A 92 -44.72 -10.69 -6.13
C PRO A 92 -43.33 -11.24 -6.50
N PHE A 93 -42.32 -10.93 -5.68
CA PHE A 93 -40.96 -11.52 -5.76
C PHE A 93 -41.03 -13.02 -5.41
N SER A 94 -39.94 -13.74 -5.65
CA SER A 94 -39.84 -15.20 -5.43
C SER A 94 -40.08 -15.53 -3.95
N SER A 95 -40.28 -16.81 -3.65
CA SER A 95 -40.42 -17.32 -2.27
C SER A 95 -39.08 -17.88 -1.81
N PRO A 96 -38.49 -17.34 -0.72
CA PRO A 96 -37.32 -17.95 -0.10
C PRO A 96 -37.69 -19.38 0.31
N PRO A 97 -36.82 -20.38 0.03
CA PRO A 97 -37.07 -21.75 0.48
C PRO A 97 -36.98 -21.85 2.00
N GLU A 98 -37.41 -22.99 2.55
CA GLU A 98 -37.44 -23.23 4.02
C GLU A 98 -36.00 -23.21 4.54
N LEU A 99 -35.79 -22.65 5.73
CA LEU A 99 -34.46 -22.59 6.39
C LEU A 99 -33.95 -24.02 6.57
N PRO A 100 -32.68 -24.32 6.22
CA PRO A 100 -32.10 -25.62 6.55
C PRO A 100 -32.22 -25.81 8.06
N ASP A 101 -32.22 -27.06 8.53
CA ASP A 101 -32.39 -27.44 9.97
C ASP A 101 -31.40 -26.68 10.85
N VAL A 102 -30.22 -26.34 10.32
CA VAL A 102 -29.02 -25.87 11.10
C VAL A 102 -29.00 -24.33 11.20
N MET A 103 -30.00 -23.61 10.70
CA MET A 103 -30.13 -22.13 10.86
C MET A 103 -31.31 -21.81 11.78
N LYS A 104 -32.09 -22.82 12.19
CA LYS A 104 -33.34 -22.67 12.99
C LYS A 104 -33.00 -22.45 14.47
N MET B 1 -29.74 10.77 -16.57
CA MET B 1 -29.36 9.63 -15.65
C MET B 1 -29.51 8.31 -16.42
N MET B 2 -28.38 7.72 -16.83
CA MET B 2 -28.37 6.42 -17.57
C MET B 2 -28.73 5.29 -16.60
N TYR B 3 -29.78 4.53 -16.92
CA TYR B 3 -30.29 3.38 -16.12
C TYR B 3 -29.83 2.07 -16.80
N VAL B 4 -29.99 0.94 -16.12
CA VAL B 4 -29.70 -0.42 -16.67
C VAL B 4 -30.76 -1.39 -16.17
N LYS B 5 -31.00 -2.44 -16.95
CA LYS B 5 -32.02 -3.48 -16.67
C LYS B 5 -31.30 -4.74 -16.18
N LEU B 6 -31.68 -5.25 -15.01
CA LEU B 6 -31.10 -6.47 -14.40
C LEU B 6 -32.20 -7.54 -14.29
N ILE B 7 -32.42 -8.33 -15.34
CA ILE B 7 -33.45 -9.42 -15.35
C ILE B 7 -32.97 -10.55 -14.44
N SER B 8 -33.85 -11.10 -13.60
CA SER B 8 -33.55 -12.24 -12.70
C SER B 8 -33.96 -13.57 -13.37
N SER B 9 -33.92 -14.66 -12.60
CA SER B 9 -34.16 -16.06 -13.04
C SER B 9 -35.65 -16.29 -13.31
N ASP B 10 -36.50 -15.40 -12.78
CA ASP B 10 -37.98 -15.50 -12.87
C ASP B 10 -38.55 -14.32 -13.66
N GLY B 11 -37.71 -13.61 -14.43
CA GLY B 11 -38.15 -12.65 -15.45
C GLY B 11 -38.37 -11.24 -14.93
N HIS B 12 -38.23 -11.00 -13.62
CA HIS B 12 -38.37 -9.66 -12.99
C HIS B 12 -37.33 -8.68 -13.56
N GLU B 13 -37.79 -7.58 -14.15
CA GLU B 13 -36.90 -6.56 -14.75
C GLU B 13 -36.60 -5.47 -13.70
N PHE B 14 -35.40 -5.49 -13.11
CA PHE B 14 -34.93 -4.48 -12.13
C PHE B 14 -34.19 -3.36 -12.87
N ILE B 15 -34.68 -2.13 -12.72
CA ILE B 15 -34.11 -0.92 -13.38
C ILE B 15 -33.45 -0.05 -12.30
N VAL B 16 -32.14 0.14 -12.43
CA VAL B 16 -31.24 0.81 -11.44
C VAL B 16 -30.34 1.77 -12.23
N LYS B 17 -29.96 2.91 -11.63
CA LYS B 17 -28.99 3.84 -12.27
C LYS B 17 -27.74 3.05 -12.67
N ARG B 18 -27.10 3.40 -13.80
CA ARG B 18 -25.85 2.75 -14.28
C ARG B 18 -24.76 2.91 -13.22
N GLU B 19 -24.57 4.14 -12.73
CA GLU B 19 -23.51 4.50 -11.76
C GLU B 19 -23.75 3.83 -10.38
N HIS B 20 -24.86 3.11 -10.19
CA HIS B 20 -25.15 2.34 -8.95
C HIS B 20 -24.80 0.86 -9.16
N ALA B 21 -24.74 0.40 -10.41
CA ALA B 21 -24.55 -1.03 -10.79
C ALA B 21 -23.07 -1.31 -11.11
N LEU B 22 -22.26 -0.25 -11.29
CA LEU B 22 -20.78 -0.35 -11.48
C LEU B 22 -20.10 -0.39 -10.10
N THR B 23 -20.90 -0.41 -9.03
CA THR B 23 -20.54 -0.89 -7.67
C THR B 23 -20.02 -2.34 -7.78
N SER B 24 -20.80 -3.23 -8.42
CA SER B 24 -20.39 -4.63 -8.75
C SER B 24 -19.45 -4.62 -9.97
N GLY B 25 -18.23 -5.10 -9.77
CA GLY B 25 -17.26 -5.33 -10.85
C GLY B 25 -17.81 -6.31 -11.88
N THR B 26 -18.31 -7.46 -11.42
CA THR B 26 -18.90 -8.52 -12.30
C THR B 26 -19.84 -7.86 -13.30
N ILE B 27 -20.67 -6.90 -12.86
CA ILE B 27 -21.58 -6.12 -13.76
C ILE B 27 -20.72 -5.14 -14.57
N LYS B 28 -19.91 -4.32 -13.89
CA LYS B 28 -18.93 -3.42 -14.54
C LYS B 28 -18.29 -4.15 -15.73
N ALA B 29 -17.97 -5.43 -15.54
CA ALA B 29 -17.32 -6.33 -16.53
C ALA B 29 -18.25 -6.58 -17.70
N MET B 30 -19.44 -7.12 -17.42
CA MET B 30 -20.45 -7.51 -18.45
C MET B 30 -20.79 -6.31 -19.33
N LEU B 31 -20.82 -5.08 -18.77
CA LEU B 31 -21.22 -3.84 -19.50
C LEU B 31 -20.01 -3.25 -20.24
N SER B 32 -18.82 -3.25 -19.61
CA SER B 32 -17.53 -2.72 -20.15
C SER B 32 -16.57 -3.87 -20.48
N ASN B 43 -27.52 -2.74 -22.55
CA ASN B 43 -27.72 -2.18 -21.18
C ASN B 43 -28.87 -2.91 -20.46
N GLU B 44 -29.24 -4.08 -20.96
CA GLU B 44 -29.96 -5.14 -20.21
C GLU B 44 -28.90 -6.18 -19.82
N VAL B 45 -29.14 -6.95 -18.77
CA VAL B 45 -28.26 -8.04 -18.26
C VAL B 45 -29.17 -9.09 -17.62
N ASN B 46 -29.16 -10.33 -18.14
CA ASN B 46 -30.00 -11.43 -17.60
C ASN B 46 -29.18 -12.19 -16.57
N PHE B 47 -29.82 -12.83 -15.60
CA PHE B 47 -29.16 -13.62 -14.53
C PHE B 47 -29.89 -14.96 -14.37
N ARG B 48 -29.60 -15.92 -15.25
CA ARG B 48 -30.26 -17.24 -15.31
C ARG B 48 -30.26 -17.93 -13.92
N GLU B 49 -29.33 -17.61 -13.03
CA GLU B 49 -29.12 -18.37 -11.76
C GLU B 49 -29.60 -17.57 -10.54
N ILE B 50 -29.80 -16.25 -10.64
CA ILE B 50 -30.17 -15.37 -9.48
C ILE B 50 -31.67 -15.11 -9.48
N PRO B 51 -32.45 -15.60 -8.49
CA PRO B 51 -33.86 -15.25 -8.36
C PRO B 51 -34.10 -13.83 -7.83
N SER B 52 -35.34 -13.35 -7.95
CA SER B 52 -35.76 -11.94 -7.75
C SER B 52 -35.78 -11.58 -6.26
N HIS B 53 -36.12 -12.52 -5.38
CA HIS B 53 -36.14 -12.30 -3.90
C HIS B 53 -34.71 -12.05 -3.40
N VAL B 54 -33.71 -12.48 -4.19
CA VAL B 54 -32.27 -12.16 -4.00
C VAL B 54 -31.95 -10.85 -4.73
N LEU B 55 -32.09 -10.83 -6.07
CA LEU B 55 -31.61 -9.72 -6.92
C LEU B 55 -32.28 -8.38 -6.53
N SER B 56 -33.49 -8.43 -5.98
CA SER B 56 -34.13 -7.28 -5.27
C SER B 56 -33.12 -6.72 -4.25
N LYS B 57 -32.70 -7.54 -3.29
CA LYS B 57 -31.81 -7.18 -2.14
C LYS B 57 -30.45 -6.65 -2.63
N VAL B 58 -29.90 -7.23 -3.70
CA VAL B 58 -28.61 -6.80 -4.31
C VAL B 58 -28.71 -5.32 -4.73
N CYS B 59 -29.79 -4.95 -5.44
CA CYS B 59 -30.04 -3.59 -5.96
C CYS B 59 -30.20 -2.62 -4.78
N MET B 60 -30.71 -3.10 -3.63
CA MET B 60 -30.82 -2.28 -2.39
C MET B 60 -29.41 -1.99 -1.88
N TYR B 61 -28.52 -2.99 -1.86
CA TYR B 61 -27.10 -2.83 -1.45
C TYR B 61 -26.47 -1.73 -2.28
N PHE B 62 -26.65 -1.80 -3.61
CA PHE B 62 -26.08 -0.84 -4.60
C PHE B 62 -26.39 0.59 -4.13
N THR B 63 -27.67 0.87 -3.86
CA THR B 63 -28.16 2.18 -3.32
C THR B 63 -27.47 2.45 -1.97
N TYR B 64 -27.48 1.45 -1.09
CA TYR B 64 -26.92 1.50 0.28
C TYR B 64 -25.44 1.89 0.24
N LYS B 65 -24.69 1.28 -0.68
CA LYS B 65 -23.22 1.50 -0.83
C LYS B 65 -22.97 2.91 -1.38
N VAL B 66 -23.69 3.33 -2.42
CA VAL B 66 -23.45 4.64 -3.10
C VAL B 66 -23.80 5.76 -2.13
N ARG B 67 -24.80 5.55 -1.27
CA ARG B 67 -25.29 6.59 -0.33
C ARG B 67 -24.29 6.76 0.82
N TYR B 68 -23.85 5.67 1.45
CA TYR B 68 -23.17 5.67 2.78
C TYR B 68 -21.63 5.52 2.69
N THR B 69 -21.07 5.08 1.57
CA THR B 69 -19.60 5.04 1.34
C THR B 69 -19.07 6.48 1.28
N ASN B 70 -18.11 6.80 2.16
CA ASN B 70 -17.48 8.13 2.34
C ASN B 70 -18.45 9.07 3.07
N SER B 71 -19.33 8.53 3.92
CA SER B 71 -20.35 9.31 4.65
C SER B 71 -19.89 9.60 6.07
N SER B 72 -19.88 10.89 6.46
CA SER B 72 -19.63 11.37 7.85
C SER B 72 -20.82 11.01 8.74
N THR B 73 -21.97 10.68 8.13
CA THR B 73 -23.26 10.38 8.81
C THR B 73 -23.16 8.97 9.43
N GLU B 74 -23.86 8.77 10.55
CA GLU B 74 -24.11 7.43 11.14
C GLU B 74 -24.51 6.48 10.00
N ILE B 75 -23.92 5.29 9.96
CA ILE B 75 -24.24 4.29 8.91
C ILE B 75 -25.05 3.19 9.56
N PRO B 76 -26.25 2.86 9.02
CA PRO B 76 -27.12 1.83 9.56
C PRO B 76 -26.86 0.43 8.99
N GLU B 77 -27.24 -0.61 9.74
CA GLU B 77 -27.05 -2.02 9.31
C GLU B 77 -27.63 -2.23 7.92
N PHE B 78 -27.03 -3.11 7.13
CA PHE B 78 -27.70 -3.70 5.94
C PHE B 78 -28.47 -4.94 6.38
N PRO B 79 -29.83 -4.93 6.35
CA PRO B 79 -30.63 -6.02 6.93
C PRO B 79 -30.66 -7.23 5.98
N ILE B 80 -30.48 -8.44 6.53
CA ILE B 80 -30.58 -9.70 5.74
C ILE B 80 -31.38 -10.73 6.55
N ALA B 81 -32.58 -11.04 6.06
CA ALA B 81 -33.52 -12.00 6.68
C ALA B 81 -32.95 -13.41 6.56
N PRO B 82 -32.96 -14.20 7.65
CA PRO B 82 -32.45 -15.56 7.62
C PRO B 82 -32.70 -16.35 6.32
N GLU B 83 -33.90 -16.22 5.74
CA GLU B 83 -34.40 -17.12 4.67
C GLU B 83 -33.68 -16.87 3.34
N ILE B 84 -33.07 -15.69 3.17
CA ILE B 84 -32.39 -15.29 1.89
C ILE B 84 -30.86 -15.39 2.03
N ALA B 85 -30.36 -15.58 3.25
CA ALA B 85 -28.94 -15.35 3.63
C ALA B 85 -27.98 -16.22 2.80
N LEU B 86 -28.32 -17.49 2.64
CA LEU B 86 -27.43 -18.52 2.03
C LEU B 86 -27.30 -18.30 0.52
N GLU B 87 -28.36 -17.85 -0.15
CA GLU B 87 -28.39 -17.64 -1.62
C GLU B 87 -27.88 -16.23 -1.95
N LEU B 88 -28.08 -15.27 -1.04
CA LEU B 88 -27.61 -13.86 -1.21
C LEU B 88 -26.08 -13.82 -1.08
N LEU B 89 -25.52 -14.59 -0.15
CA LEU B 89 -24.06 -14.79 0.00
C LEU B 89 -23.49 -15.31 -1.33
N MET B 90 -24.13 -16.31 -1.95
CA MET B 90 -23.65 -16.95 -3.20
C MET B 90 -23.73 -15.95 -4.35
N ALA B 91 -24.69 -15.03 -4.29
CA ALA B 91 -24.81 -13.92 -5.27
C ALA B 91 -23.70 -12.90 -5.02
N ALA B 92 -23.60 -12.39 -3.80
CA ALA B 92 -22.57 -11.41 -3.36
C ALA B 92 -21.23 -11.81 -3.97
N ASN B 93 -20.87 -13.08 -3.78
CA ASN B 93 -19.55 -13.66 -4.15
C ASN B 93 -19.42 -13.66 -5.67
N PHE B 94 -20.46 -14.07 -6.41
CA PHE B 94 -20.45 -14.10 -7.89
C PHE B 94 -20.26 -12.67 -8.45
N LEU B 95 -20.73 -11.64 -7.73
CA LEU B 95 -20.83 -10.25 -8.23
C LEU B 95 -19.66 -9.37 -7.78
N ASP B 96 -18.74 -9.85 -6.94
CA ASP B 96 -17.56 -9.05 -6.53
C ASP B 96 -18.07 -7.72 -5.93
N CYS B 97 -18.79 -7.82 -4.80
CA CYS B 97 -19.28 -6.66 -3.99
C CYS B 97 -19.67 -7.13 -2.59
N VAL C 11 5.26 -2.33 14.82
CA VAL C 11 4.93 -0.91 14.50
C VAL C 11 3.85 -0.40 15.46
N LEU C 12 2.83 -1.23 15.74
CA LEU C 12 1.54 -0.84 16.37
C LEU C 12 1.59 -1.08 17.87
N ARG C 13 1.81 -0.01 18.64
CA ARG C 13 1.75 0.00 20.12
C ARG C 13 1.68 1.45 20.62
N SER C 14 1.06 1.66 21.77
CA SER C 14 0.84 2.99 22.38
C SER C 14 2.19 3.54 22.81
N VAL C 15 2.51 4.76 22.41
CA VAL C 15 3.54 5.63 23.05
C VAL C 15 3.14 5.79 24.52
N ASN C 16 4.05 5.59 25.47
CA ASN C 16 3.79 5.95 26.89
C ASN C 16 4.15 7.43 27.07
N SER C 17 3.39 8.33 26.43
CA SER C 17 3.60 9.79 26.45
C SER C 17 3.42 10.35 27.86
N ARG C 18 2.58 9.70 28.68
CA ARG C 18 2.23 10.12 30.06
C ARG C 18 1.60 11.52 30.08
N GLU C 19 0.97 11.96 28.98
CA GLU C 19 0.15 13.21 28.92
C GLU C 19 -1.31 12.85 28.68
N PRO C 20 -2.23 13.09 29.64
CA PRO C 20 -3.59 12.55 29.55
C PRO C 20 -4.40 13.32 28.49
N SER C 21 -5.52 12.72 28.08
CA SER C 21 -6.44 13.24 27.02
C SER C 21 -7.88 12.78 27.32
N GLN C 22 -8.80 13.72 27.53
CA GLN C 22 -10.25 13.44 27.78
C GLN C 22 -10.91 13.11 26.44
N VAL C 23 -11.35 11.86 26.27
CA VAL C 23 -11.89 11.31 24.99
C VAL C 23 -13.32 10.81 25.21
N ILE C 24 -14.20 11.05 24.25
CA ILE C 24 -15.61 10.55 24.23
C ILE C 24 -15.70 9.40 23.22
N PHE C 25 -15.84 8.16 23.69
CA PHE C 25 -16.25 7.02 22.84
C PHE C 25 -17.74 7.20 22.57
N CAS C 26 -18.11 7.37 21.30
CA CAS C 26 -19.50 7.61 20.92
CB CAS C 26 -19.52 9.00 20.23
C CAS C 26 -19.89 6.43 20.04
O CAS C 26 -19.46 6.36 18.90
SG CAS C 26 -21.10 9.67 19.76
AS CAS C 26 -22.40 9.58 21.57
CE1 CAS C 26 -23.64 8.02 21.44
CE2 CAS C 26 -23.46 11.25 21.79
N ASN C 27 -20.67 5.48 20.57
CA ASN C 27 -21.18 4.39 19.77
C ASN C 27 -22.32 4.92 18.91
N ARG C 28 -22.03 5.24 17.65
CA ARG C 28 -23.04 5.62 16.64
C ARG C 28 -23.24 4.42 15.71
N SER C 29 -23.52 3.25 16.31
CA SER C 29 -23.72 1.99 15.56
C SER C 29 -24.73 1.14 16.29
N PRO C 30 -25.48 0.27 15.57
CA PRO C 30 -26.39 -0.67 16.20
C PRO C 30 -25.70 -1.79 16.99
N ARG C 31 -24.39 -1.98 16.79
CA ARG C 31 -23.59 -3.06 17.44
C ARG C 31 -23.24 -2.66 18.87
N VAL C 32 -23.22 -3.63 19.78
CA VAL C 32 -22.51 -3.54 21.09
C VAL C 32 -21.01 -3.49 20.76
N VAL C 33 -20.33 -2.42 21.18
CA VAL C 33 -18.93 -2.10 20.76
C VAL C 33 -17.97 -2.55 21.85
N LEU C 34 -16.83 -3.16 21.46
CA LEU C 34 -15.68 -3.50 22.33
C LEU C 34 -14.50 -2.61 21.97
N PRO C 35 -14.17 -1.58 22.78
CA PRO C 35 -13.05 -0.70 22.48
C PRO C 35 -11.78 -1.40 22.95
N VAL C 36 -10.73 -1.39 22.11
CA VAL C 36 -9.48 -2.18 22.32
C VAL C 36 -8.29 -1.23 22.28
N TRP C 37 -7.63 -1.06 23.43
CA TRP C 37 -6.36 -0.31 23.57
C TRP C 37 -5.22 -1.21 23.15
N LEU C 38 -4.33 -0.70 22.28
CA LEU C 38 -3.02 -1.33 21.99
C LEU C 38 -2.06 -0.89 23.11
N ASN C 39 -1.66 -1.81 24.00
CA ASN C 39 -0.80 -1.50 25.18
C ASN C 39 0.63 -1.29 24.67
N PHE C 40 1.57 -1.12 25.61
CA PHE C 40 2.95 -0.65 25.33
C PHE C 40 3.77 -1.76 24.65
N ASP C 41 3.34 -3.02 24.78
CA ASP C 41 3.95 -4.20 24.11
C ASP C 41 3.27 -4.45 22.75
N GLY C 42 2.25 -3.66 22.39
CA GLY C 42 1.49 -3.78 21.13
C GLY C 42 0.43 -4.88 21.21
N GLU C 43 0.12 -5.32 22.43
CA GLU C 43 -0.91 -6.35 22.70
C GLU C 43 -2.28 -5.67 22.71
N PRO C 44 -3.30 -6.26 22.05
CA PRO C 44 -4.66 -5.72 22.11
C PRO C 44 -5.35 -6.04 23.45
N GLN C 45 -5.55 -5.01 24.28
CA GLN C 45 -6.19 -5.15 25.61
C GLN C 45 -7.62 -4.62 25.52
N PRO C 46 -8.64 -5.50 25.69
CA PRO C 46 -10.04 -5.09 25.67
C PRO C 46 -10.40 -4.25 26.90
N TYR C 47 -11.49 -3.48 26.77
CA TYR C 47 -12.03 -2.52 27.77
C TYR C 47 -13.54 -2.75 27.90
N PRO C 48 -14.25 -2.11 28.86
CA PRO C 48 -15.70 -2.30 28.99
C PRO C 48 -16.43 -1.95 27.68
N THR C 49 -17.41 -2.78 27.30
CA THR C 49 -18.20 -2.66 26.04
C THR C 49 -19.22 -1.51 26.16
N LEU C 50 -19.42 -0.77 25.09
CA LEU C 50 -20.50 0.26 24.96
C LEU C 50 -21.77 -0.41 24.40
N PRO C 51 -22.92 -0.30 25.11
CA PRO C 51 -24.21 -0.58 24.48
C PRO C 51 -24.44 0.34 23.28
N PRO C 52 -25.27 -0.06 22.29
CA PRO C 52 -25.48 0.73 21.08
C PRO C 52 -26.05 2.14 21.35
N GLY C 53 -25.67 3.11 20.53
CA GLY C 53 -26.17 4.50 20.61
C GLY C 53 -25.87 5.17 21.95
N THR C 54 -24.95 4.64 22.76
CA THR C 54 -24.51 5.28 24.04
C THR C 54 -23.10 5.83 23.86
N GLY C 55 -22.75 6.84 24.68
CA GLY C 55 -21.43 7.48 24.70
C GLY C 55 -20.93 7.68 26.13
N ARG C 56 -19.64 7.41 26.38
CA ARG C 56 -18.94 7.60 27.70
C ARG C 56 -17.66 8.43 27.52
N ARG C 57 -17.42 9.35 28.46
CA ARG C 57 -16.21 10.21 28.53
C ARG C 57 -15.16 9.47 29.35
N ILE C 58 -14.03 9.11 28.72
CA ILE C 58 -12.99 8.21 29.31
C ILE C 58 -11.67 8.99 29.42
N HIS C 59 -10.81 8.56 30.35
N HIS C 59 -10.81 8.56 30.36
CA HIS C 59 -9.46 9.11 30.61
CA HIS C 59 -9.46 9.09 30.59
C HIS C 59 -8.43 8.23 29.87
C HIS C 59 -8.44 8.21 29.86
N SER C 60 -7.81 8.75 28.81
CA SER C 60 -6.71 8.09 28.05
C SER C 60 -5.53 9.07 27.95
N TYR C 61 -4.55 8.77 27.09
CA TYR C 61 -3.29 9.55 26.99
C TYR C 61 -2.93 9.79 25.50
N ARG C 62 -2.43 10.98 25.20
CA ARG C 62 -1.97 11.34 23.82
C ARG C 62 -1.12 10.19 23.29
N GLY C 63 -1.13 9.96 21.99
CA GLY C 63 -0.25 8.98 21.33
C GLY C 63 -0.62 7.53 21.64
N HIS C 64 -1.57 7.28 22.55
CA HIS C 64 -2.12 5.91 22.76
C HIS C 64 -2.90 5.50 21.50
N LEU C 65 -3.10 4.20 21.29
CA LEU C 65 -3.76 3.66 20.07
C LEU C 65 -4.95 2.80 20.46
N TRP C 66 -6.07 2.99 19.75
CA TRP C 66 -7.40 2.36 20.00
C TRP C 66 -8.01 1.87 18.68
N LEU C 67 -8.63 0.68 18.72
CA LEU C 67 -9.50 0.15 17.66
C LEU C 67 -10.75 -0.46 18.31
N PHE C 68 -11.85 -0.53 17.57
CA PHE C 68 -13.19 -0.94 18.06
C PHE C 68 -13.73 -2.09 17.18
N ARG C 69 -14.43 -3.03 17.82
CA ARG C 69 -14.93 -4.28 17.21
C ARG C 69 -16.30 -4.58 17.79
N ASP C 70 -17.13 -5.35 17.09
CA ASP C 70 -18.39 -5.94 17.65
C ASP C 70 -17.98 -6.81 18.84
N ALA C 71 -18.57 -6.57 20.00
CA ALA C 71 -18.26 -7.27 21.26
C ALA C 71 -18.65 -8.75 21.17
N GLY C 72 -19.48 -9.12 20.20
CA GLY C 72 -20.04 -10.48 20.07
C GLY C 72 -19.44 -11.28 18.93
N THR C 73 -18.81 -10.60 17.97
CA THR C 73 -18.34 -11.24 16.69
C THR C 73 -17.03 -10.63 16.17
N HIS C 74 -16.43 -9.69 16.91
CA HIS C 74 -15.16 -8.98 16.57
C HIS C 74 -15.24 -8.41 15.15
N ASP C 75 -16.46 -8.27 14.60
CA ASP C 75 -16.72 -7.59 13.30
C ASP C 75 -16.13 -6.18 13.40
N GLY C 76 -15.32 -5.77 12.41
CA GLY C 76 -14.49 -4.57 12.51
C GLY C 76 -15.30 -3.31 12.27
N LEU C 77 -15.19 -2.31 13.14
CA LEU C 77 -15.88 -0.99 13.01
C LEU C 77 -14.87 0.08 12.67
N LEU C 78 -15.34 1.28 12.35
CA LEU C 78 -14.47 2.46 12.09
C LEU C 78 -14.57 3.40 13.28
N VAL C 79 -13.63 4.34 13.38
CA VAL C 79 -13.60 5.42 14.41
C VAL C 79 -13.16 6.70 13.71
N ASN C 80 -14.04 7.69 13.62
CA ASN C 80 -13.80 8.92 12.83
C ASN C 80 -13.31 8.50 11.44
N GLN C 81 -14.05 7.60 10.78
CA GLN C 81 -13.96 7.26 9.34
C GLN C 81 -12.85 6.23 9.07
N THR C 82 -11.97 6.00 10.04
CA THR C 82 -10.70 5.24 9.83
C THR C 82 -10.61 4.06 10.83
N GLU C 83 -9.58 3.23 10.69
CA GLU C 83 -9.42 1.93 11.41
C GLU C 83 -8.86 2.14 12.82
N LEU C 84 -8.05 3.17 13.05
CA LEU C 84 -7.35 3.38 14.35
C LEU C 84 -7.59 4.79 14.88
N PHE C 85 -7.63 4.93 16.21
CA PHE C 85 -7.86 6.21 16.92
C PHE C 85 -6.69 6.52 17.86
N VAL C 86 -6.19 7.75 17.79
CA VAL C 86 -5.07 8.27 18.61
C VAL C 86 -5.56 9.54 19.30
N PRO C 87 -5.90 9.48 20.61
CA PRO C 87 -6.26 10.67 21.37
C PRO C 87 -5.19 11.77 21.24
N SER C 88 -5.56 12.92 20.69
CA SER C 88 -4.68 14.12 20.59
C SER C 88 -4.86 14.96 21.84
N LEU C 89 -4.18 16.11 21.91
CA LEU C 89 -4.33 17.12 22.99
C LEU C 89 -5.76 17.67 22.99
N ASN C 90 -6.39 17.74 24.17
CA ASN C 90 -7.66 18.49 24.39
C ASN C 90 -7.36 19.98 24.29
N VAL C 91 -7.92 20.66 23.28
CA VAL C 91 -7.71 22.11 23.03
C VAL C 91 -8.99 22.83 23.47
N ASP C 92 -8.85 23.83 24.36
CA ASP C 92 -9.94 24.64 24.96
C ASP C 92 -10.73 23.81 25.99
N GLY C 93 -10.12 22.77 26.56
CA GLY C 93 -10.74 21.88 27.57
C GLY C 93 -11.87 21.06 26.98
N GLN C 94 -12.00 21.07 25.66
CA GLN C 94 -13.07 20.42 24.86
C GLN C 94 -12.62 18.99 24.58
N PRO C 95 -13.28 17.95 25.14
CA PRO C 95 -12.84 16.57 24.92
C PRO C 95 -12.84 16.23 23.43
N ILE C 96 -11.93 15.34 23.02
CA ILE C 96 -11.80 14.80 21.65
C ILE C 96 -12.89 13.75 21.47
N PHE C 97 -13.45 13.64 20.26
CA PHE C 97 -14.57 12.73 19.94
C PHE C 97 -14.05 11.54 19.14
N ALA C 98 -14.29 10.33 19.65
CA ALA C 98 -14.13 9.05 18.94
C ALA C 98 -15.52 8.58 18.49
N ASN C 99 -15.90 8.92 17.26
CA ASN C 99 -17.22 8.56 16.66
C ASN C 99 -17.10 7.19 16.00
N ILE C 100 -17.61 6.16 16.66
CA ILE C 100 -17.54 4.74 16.21
C ILE C 100 -18.78 4.41 15.39
N THR C 101 -18.63 4.27 14.08
CA THR C 101 -19.74 3.98 13.13
C THR C 101 -19.56 2.56 12.61
N LEU C 102 -20.62 1.95 12.07
CA LEU C 102 -20.48 0.75 11.20
C LEU C 102 -19.71 1.18 9.95
N PRO C 103 -18.90 0.28 9.36
CA PRO C 103 -18.31 0.54 8.04
C PRO C 103 -19.32 0.11 6.97
N VAL C 104 -19.07 0.44 5.70
CA VAL C 104 -19.90 -0.07 4.56
C VAL C 104 -19.37 -1.46 4.17
N TYR C 105 -19.61 -2.47 5.01
CA TYR C 105 -19.23 -3.87 4.74
C TYR C 105 -19.55 -4.20 3.29
N THR C 106 -18.74 -5.03 2.66
CA THR C 106 -19.07 -5.66 1.36
C THR C 106 -20.33 -6.49 1.59
N LEU C 107 -21.07 -6.77 0.53
CA LEU C 107 -22.27 -7.63 0.60
C LEU C 107 -21.85 -9.01 1.08
N LYS C 108 -20.75 -9.53 0.53
CA LYS C 108 -20.18 -10.86 0.89
C LYS C 108 -19.89 -10.90 2.39
N GLU C 109 -19.21 -9.88 2.95
CA GLU C 109 -18.84 -9.83 4.39
C GLU C 109 -20.13 -9.73 5.23
N ARG C 110 -21.06 -8.84 4.87
CA ARG C 110 -22.35 -8.69 5.60
C ARG C 110 -23.13 -10.00 5.56
N CYS C 111 -23.16 -10.70 4.43
CA CYS C 111 -23.85 -12.01 4.27
C CYS C 111 -23.22 -13.01 5.23
N LEU C 112 -21.88 -13.03 5.27
CA LEU C 112 -21.07 -13.93 6.13
C LEU C 112 -21.42 -13.68 7.60
N GLN C 113 -21.34 -12.43 8.03
CA GLN C 113 -21.73 -12.03 9.40
C GLN C 113 -23.07 -12.69 9.77
N VAL C 114 -24.06 -12.52 8.90
CA VAL C 114 -25.47 -12.92 9.16
C VAL C 114 -25.56 -14.46 9.23
N VAL C 115 -24.88 -15.18 8.32
CA VAL C 115 -24.90 -16.68 8.31
C VAL C 115 -24.21 -17.19 9.57
N ARG C 116 -23.03 -16.64 9.89
CA ARG C 116 -22.27 -16.96 11.12
C ARG C 116 -23.19 -16.79 12.33
N SER C 117 -23.93 -15.67 12.37
CA SER C 117 -24.77 -15.26 13.52
C SER C 117 -25.87 -16.30 13.76
N LEU C 118 -26.28 -17.02 12.71
CA LEU C 118 -27.39 -18.03 12.77
C LEU C 118 -26.84 -19.44 12.94
N VAL C 119 -25.77 -19.78 12.21
CA VAL C 119 -25.22 -21.16 12.12
C VAL C 119 -24.15 -21.37 13.21
N LYS C 120 -24.29 -22.43 14.01
CA LYS C 120 -23.26 -22.85 14.99
C LYS C 120 -22.02 -23.26 14.20
N PRO C 121 -20.80 -22.82 14.59
CA PRO C 121 -19.58 -23.08 13.82
C PRO C 121 -19.40 -24.53 13.33
N GLU C 122 -19.73 -25.52 14.16
CA GLU C 122 -19.69 -26.97 13.82
C GLU C 122 -20.38 -27.21 12.47
N ASN C 123 -21.57 -26.64 12.30
CA ASN C 123 -22.52 -26.97 11.19
C ASN C 123 -22.18 -26.22 9.89
N TYR C 124 -21.19 -25.31 9.89
CA TYR C 124 -20.73 -24.60 8.66
C TYR C 124 -20.50 -25.62 7.54
N ARG C 125 -19.83 -26.73 7.88
CA ARG C 125 -19.51 -27.85 6.94
C ARG C 125 -20.80 -28.55 6.49
N ARG C 126 -21.89 -28.41 7.26
CA ARG C 126 -23.18 -29.14 7.09
C ARG C 126 -24.18 -28.28 6.28
N LEU C 127 -23.72 -27.33 5.47
CA LEU C 127 -24.54 -26.52 4.52
C LEU C 127 -24.27 -26.98 3.08
N ASP C 128 -25.07 -26.52 2.11
CA ASP C 128 -24.93 -26.85 0.68
C ASP C 128 -24.34 -25.62 -0.02
N ILE C 129 -23.05 -25.38 0.19
CA ILE C 129 -22.27 -24.29 -0.48
C ILE C 129 -20.86 -24.80 -0.77
N VAL C 130 -20.19 -24.23 -1.78
CA VAL C 130 -18.81 -24.62 -2.22
C VAL C 130 -17.86 -24.56 -1.02
N ARG C 131 -16.89 -25.49 -0.97
CA ARG C 131 -15.88 -25.56 0.13
C ARG C 131 -15.06 -24.26 0.19
N SER C 132 -15.02 -23.47 -0.89
CA SER C 132 -14.45 -22.10 -0.91
C SER C 132 -15.13 -21.24 0.17
N LEU C 133 -16.45 -21.34 0.31
CA LEU C 133 -17.27 -20.43 1.16
C LEU C 133 -17.27 -20.92 2.63
N TYR C 134 -17.22 -22.23 2.88
CA TYR C 134 -17.01 -22.81 4.23
C TYR C 134 -15.79 -22.15 4.88
N GLU C 135 -14.70 -22.06 4.11
CA GLU C 135 -13.42 -21.46 4.56
C GLU C 135 -13.65 -19.98 4.91
N ASP C 136 -14.31 -19.24 4.01
CA ASP C 136 -14.70 -17.81 4.22
C ASP C 136 -15.54 -17.69 5.50
N LEU C 137 -16.40 -18.67 5.79
CA LEU C 137 -17.26 -18.73 7.02
C LEU C 137 -16.38 -18.93 8.25
N GLU C 138 -15.43 -19.87 8.19
CA GLU C 138 -14.58 -20.31 9.33
C GLU C 138 -13.60 -19.20 9.70
N ASP C 139 -13.16 -18.41 8.71
CA ASP C 139 -12.27 -17.24 8.89
C ASP C 139 -13.01 -16.14 9.67
N HIS C 140 -13.42 -16.42 10.92
CA HIS C 140 -14.01 -15.43 11.86
C HIS C 140 -13.11 -14.20 11.87
N PRO C 141 -13.65 -12.97 11.94
CA PRO C 141 -12.79 -11.80 12.11
C PRO C 141 -11.97 -12.02 13.38
N ASN C 142 -10.65 -11.79 13.28
CA ASN C 142 -9.66 -11.92 14.38
C ASN C 142 -8.89 -10.61 14.46
N VAL C 143 -8.79 -10.02 15.66
CA VAL C 143 -8.08 -8.72 15.88
C VAL C 143 -6.58 -8.96 15.66
N GLN C 144 -6.05 -10.03 16.25
CA GLN C 144 -4.61 -10.39 16.18
C GLN C 144 -4.21 -10.52 14.71
N LYS C 145 -4.89 -11.39 13.96
CA LYS C 145 -4.63 -11.66 12.52
C LYS C 145 -4.71 -10.33 11.74
N ASP C 146 -5.61 -9.42 12.13
CA ASP C 146 -5.81 -8.12 11.44
C ASP C 146 -4.62 -7.21 11.77
N LEU C 147 -4.21 -7.15 13.04
CA LEU C 147 -3.00 -6.38 13.47
C LEU C 147 -1.79 -6.86 12.66
N GLU C 148 -1.61 -8.18 12.55
CA GLU C 148 -0.54 -8.83 11.73
C GLU C 148 -0.68 -8.35 10.27
N ARG C 149 -1.86 -8.51 9.68
CA ARG C 149 -2.18 -8.09 8.29
C ARG C 149 -1.69 -6.65 8.09
N LEU C 150 -2.03 -5.73 9.02
CA LEU C 150 -1.83 -4.27 8.87
C LEU C 150 -0.36 -3.88 9.06
N THR C 151 0.47 -4.76 9.62
CA THR C 151 1.95 -4.54 9.73
C THR C 151 2.60 -5.05 8.43
N GLN C 152 2.88 -4.15 7.47
CA GLN C 152 3.51 -4.45 6.15
C GLN C 152 3.34 -3.22 5.24
N GLU C 153 4.21 -3.05 4.22
CA GLU C 153 4.13 -1.97 3.20
C GLU C 153 4.95 -2.38 1.97
N MET D 1 33.55 -4.53 13.38
CA MET D 1 33.25 -3.83 12.11
C MET D 1 33.53 -4.78 10.93
N ASP D 2 32.75 -4.67 9.86
CA ASP D 2 32.89 -5.50 8.63
C ASP D 2 33.88 -4.82 7.69
N VAL D 3 34.60 -5.61 6.89
CA VAL D 3 35.53 -5.12 5.83
C VAL D 3 35.24 -5.92 4.56
N PHE D 4 35.26 -5.25 3.41
CA PHE D 4 34.89 -5.82 2.09
C PHE D 4 36.12 -5.74 1.19
N LEU D 5 36.37 -6.82 0.45
CA LEU D 5 37.69 -7.12 -0.18
C LEU D 5 37.50 -7.69 -1.59
N MET D 6 38.40 -7.31 -2.50
CA MET D 6 38.71 -8.03 -3.76
C MET D 6 40.02 -8.80 -3.59
N ILE D 7 39.95 -10.12 -3.39
CA ILE D 7 41.13 -11.05 -3.42
C ILE D 7 41.42 -11.37 -4.89
N ARG D 8 42.60 -10.98 -5.39
CA ARG D 8 42.90 -10.93 -6.85
C ARG D 8 44.20 -11.67 -7.18
N ARG D 9 44.09 -12.75 -7.96
CA ARG D 9 45.21 -13.50 -8.58
C ARG D 9 44.99 -13.49 -10.10
N HIS D 10 45.84 -12.78 -10.85
CA HIS D 10 45.80 -12.66 -12.33
C HIS D 10 44.45 -12.05 -12.75
N LYS D 11 43.61 -12.79 -13.49
CA LYS D 11 42.30 -12.31 -14.01
C LYS D 11 41.23 -12.50 -12.94
N THR D 12 41.26 -13.65 -12.26
CA THR D 12 40.31 -14.03 -11.18
C THR D 12 40.27 -12.93 -10.11
N THR D 13 39.07 -12.41 -9.82
CA THR D 13 38.75 -11.46 -8.73
C THR D 13 37.65 -12.09 -7.87
N ILE D 14 37.78 -12.01 -6.54
CA ILE D 14 36.84 -12.64 -5.56
C ILE D 14 36.38 -11.58 -4.56
N PHE D 15 35.10 -11.23 -4.59
CA PHE D 15 34.49 -10.27 -3.63
C PHE D 15 34.16 -11.06 -2.36
N THR D 16 34.62 -10.59 -1.20
CA THR D 16 34.29 -11.24 0.09
C THR D 16 34.42 -10.24 1.23
N ASP D 17 33.74 -10.56 2.34
CA ASP D 17 33.66 -9.74 3.56
C ASP D 17 34.33 -10.55 4.67
N ALA D 18 34.73 -9.84 5.73
CA ALA D 18 35.21 -10.39 7.02
C ALA D 18 35.13 -9.29 8.07
N LYS D 19 35.54 -9.59 9.31
CA LYS D 19 35.56 -8.64 10.46
C LYS D 19 36.98 -8.05 10.54
N GLU D 20 37.10 -6.78 10.95
CA GLU D 20 38.42 -6.12 11.19
C GLU D 20 39.32 -7.06 11.99
N SER D 21 38.78 -7.62 13.09
CA SER D 21 39.52 -8.39 14.13
C SER D 21 39.77 -9.85 13.69
N SER D 22 39.23 -10.29 12.56
CA SER D 22 39.56 -11.60 11.94
C SER D 22 40.99 -11.54 11.39
N THR D 23 41.64 -12.71 11.23
CA THR D 23 43.08 -12.86 10.87
C THR D 23 43.26 -13.10 9.37
N VAL D 24 44.50 -12.95 8.89
CA VAL D 24 44.91 -13.22 7.49
C VAL D 24 44.76 -14.72 7.20
N PHE D 25 44.88 -15.58 8.22
CA PHE D 25 44.80 -17.07 8.07
C PHE D 25 43.37 -17.48 7.77
N GLU D 26 42.40 -16.82 8.40
CA GLU D 26 40.95 -17.06 8.13
C GLU D 26 40.63 -16.68 6.69
N LEU D 27 41.32 -15.66 6.15
CA LEU D 27 41.16 -15.18 4.76
C LEU D 27 41.74 -16.21 3.78
N LYS D 28 42.75 -16.98 4.21
CA LYS D 28 43.36 -18.07 3.40
C LYS D 28 42.45 -19.30 3.41
N ARG D 29 41.69 -19.50 4.50
CA ARG D 29 40.66 -20.58 4.65
C ARG D 29 39.51 -20.30 3.67
N ILE D 30 39.06 -19.04 3.60
CA ILE D 30 38.00 -18.57 2.67
C ILE D 30 38.40 -19.01 1.25
N VAL D 31 39.61 -18.66 0.80
CA VAL D 31 40.08 -18.95 -0.59
C VAL D 31 40.12 -20.48 -0.80
N GLU D 32 40.38 -21.25 0.26
CA GLU D 32 40.50 -22.74 0.20
C GLU D 32 39.14 -23.35 -0.20
N GLY D 33 38.06 -22.96 0.50
CA GLY D 33 36.68 -23.38 0.22
C GLY D 33 36.27 -23.08 -1.21
N ILE D 34 36.73 -21.95 -1.76
CA ILE D 34 36.35 -21.41 -3.11
C ILE D 34 37.22 -22.05 -4.19
N LEU D 35 38.55 -22.05 -4.04
CA LEU D 35 39.50 -22.43 -5.12
C LEU D 35 40.13 -23.81 -4.88
N LYS D 36 39.91 -24.43 -3.71
CA LYS D 36 40.33 -25.83 -3.35
C LYS D 36 41.87 -25.94 -3.30
N ARG D 37 42.55 -24.86 -2.90
CA ARG D 37 44.04 -24.76 -2.71
C ARG D 37 44.30 -24.49 -1.23
N PRO D 38 45.07 -25.33 -0.50
CA PRO D 38 45.15 -25.21 0.96
C PRO D 38 45.84 -23.93 1.40
N PRO D 39 45.67 -23.48 2.67
CA PRO D 39 46.14 -22.16 3.13
C PRO D 39 47.65 -21.95 2.99
N ASP D 40 48.43 -23.02 3.19
CA ASP D 40 49.92 -23.04 3.16
C ASP D 40 50.40 -22.79 1.73
N GLU D 41 49.54 -22.96 0.71
CA GLU D 41 49.89 -22.87 -0.74
C GLU D 41 49.52 -21.50 -1.29
N GLN D 42 49.04 -20.60 -0.42
CA GLN D 42 48.64 -19.22 -0.77
C GLN D 42 49.61 -18.21 -0.17
N ARG D 43 49.68 -17.03 -0.77
CA ARG D 43 50.44 -15.88 -0.24
C ARG D 43 49.63 -14.60 -0.47
N LEU D 44 49.29 -13.92 0.63
CA LEU D 44 48.41 -12.73 0.61
C LEU D 44 49.26 -11.48 0.78
N TYR D 45 49.13 -10.54 -0.17
CA TYR D 45 49.83 -9.24 -0.20
C TYR D 45 48.82 -8.11 0.05
N LYS D 46 49.24 -7.07 0.79
CA LYS D 46 48.66 -5.70 0.73
C LYS D 46 49.65 -4.83 -0.03
N ASP D 47 49.35 -4.54 -1.30
CA ASP D 47 50.30 -4.06 -2.34
C ASP D 47 51.31 -5.19 -2.61
N ASP D 48 52.60 -4.98 -2.32
CA ASP D 48 53.68 -6.00 -2.50
C ASP D 48 54.21 -6.48 -1.15
N GLN D 49 53.56 -6.11 -0.04
CA GLN D 49 53.98 -6.47 1.34
C GLN D 49 53.33 -7.80 1.75
N LEU D 50 54.12 -8.85 1.96
CA LEU D 50 53.62 -10.18 2.42
C LEU D 50 52.98 -10.00 3.78
N LEU D 51 51.87 -10.70 4.04
CA LEU D 51 51.06 -10.57 5.29
C LEU D 51 51.28 -11.79 6.21
N ASP D 52 51.64 -11.52 7.47
CA ASP D 52 51.83 -12.55 8.53
C ASP D 52 50.45 -13.07 8.95
N ASP D 53 50.26 -14.40 8.90
CA ASP D 53 48.98 -15.09 9.22
C ASP D 53 48.42 -14.61 10.56
N GLY D 54 49.25 -14.48 11.59
CA GLY D 54 48.80 -14.14 12.94
C GLY D 54 48.17 -12.76 13.05
N LYS D 55 48.45 -11.87 12.09
CA LYS D 55 48.02 -10.44 12.10
C LYS D 55 46.52 -10.34 11.76
N THR D 56 45.80 -9.48 12.48
CA THR D 56 44.37 -9.09 12.22
C THR D 56 44.33 -8.18 10.98
N LEU D 57 43.19 -8.10 10.29
CA LEU D 57 43.00 -7.28 9.05
C LEU D 57 43.03 -5.78 9.38
N GLY D 58 42.60 -5.37 10.58
CA GLY D 58 42.71 -3.98 11.06
C GLY D 58 44.17 -3.56 11.27
N GLU D 59 45.03 -4.50 11.66
CA GLU D 59 46.50 -4.31 11.80
C GLU D 59 47.09 -4.09 10.40
N CYS D 60 46.54 -4.75 9.37
CA CYS D 60 47.02 -4.69 7.95
C CYS D 60 46.40 -3.51 7.18
N GLY D 61 45.70 -2.59 7.87
CA GLY D 61 45.15 -1.35 7.28
C GLY D 61 43.85 -1.55 6.49
N PHE D 62 43.13 -2.64 6.76
CA PHE D 62 41.79 -2.94 6.19
C PHE D 62 40.73 -2.66 7.26
N THR D 63 40.23 -1.42 7.33
CA THR D 63 39.16 -1.03 8.29
C THR D 63 37.82 -1.04 7.55
N SER D 64 36.71 -0.97 8.29
CA SER D 64 35.34 -0.86 7.71
C SER D 64 35.25 0.45 6.93
N GLN D 65 36.00 1.47 7.38
CA GLN D 65 35.94 2.87 6.86
C GLN D 65 36.88 3.06 5.67
N THR D 66 37.50 1.97 5.16
CA THR D 66 38.35 1.94 3.93
C THR D 66 37.99 0.73 3.05
N ALA D 67 37.80 -0.45 3.66
CA ALA D 67 37.34 -1.67 2.95
C ALA D 67 35.81 -1.67 2.93
N ARG D 68 35.24 -0.82 2.07
CA ARG D 68 33.79 -0.50 1.97
C ARG D 68 33.17 -1.32 0.85
N PRO D 69 31.89 -1.73 0.95
CA PRO D 69 31.25 -2.55 -0.09
C PRO D 69 31.39 -2.00 -1.52
N GLN D 70 31.24 -0.67 -1.65
CA GLN D 70 31.29 0.10 -2.93
C GLN D 70 32.73 0.30 -3.40
N ALA D 71 33.70 0.26 -2.47
CA ALA D 71 35.14 0.49 -2.71
C ALA D 71 35.95 -0.47 -1.84
N PRO D 72 35.90 -1.79 -2.12
CA PRO D 72 36.56 -2.80 -1.28
C PRO D 72 38.07 -2.67 -1.47
N ALA D 73 38.84 -3.03 -0.44
CA ALA D 73 40.32 -3.03 -0.45
C ALA D 73 40.81 -4.28 -1.20
N THR D 74 41.79 -4.11 -2.09
CA THR D 74 42.42 -5.20 -2.87
C THR D 74 43.31 -6.04 -1.93
N VAL D 75 43.32 -7.36 -2.15
CA VAL D 75 44.21 -8.34 -1.46
C VAL D 75 44.85 -9.23 -2.54
N GLY D 76 46.18 -9.19 -2.67
CA GLY D 76 46.95 -9.89 -3.72
C GLY D 76 47.17 -11.35 -3.36
N LEU D 77 46.94 -12.27 -4.30
CA LEU D 77 47.01 -13.73 -4.06
C LEU D 77 48.07 -14.34 -4.98
N ALA D 78 48.90 -15.22 -4.42
CA ALA D 78 49.95 -16.00 -5.12
C ALA D 78 49.83 -17.46 -4.67
N PHE D 79 49.93 -18.41 -5.61
CA PHE D 79 49.89 -19.87 -5.34
C PHE D 79 51.28 -20.47 -5.49
N ARG D 80 51.49 -21.66 -4.90
CA ARG D 80 52.78 -22.39 -4.81
C ARG D 80 53.01 -23.23 -6.07
N ASP D 83 56.66 -26.36 -5.73
CA ASP D 83 58.02 -26.27 -5.14
C ASP D 83 58.22 -24.88 -4.51
N THR D 84 57.99 -23.82 -5.29
CA THR D 84 58.14 -22.39 -4.87
C THR D 84 56.87 -21.61 -5.22
N PHE D 85 56.74 -20.39 -4.66
CA PHE D 85 55.59 -19.48 -4.89
C PHE D 85 55.81 -18.70 -6.19
N GLU D 86 54.73 -18.50 -6.95
CA GLU D 86 54.70 -17.65 -8.18
C GLU D 86 54.89 -16.18 -7.78
N ALA D 87 55.39 -15.37 -8.72
CA ALA D 87 55.40 -13.90 -8.60
C ALA D 87 53.95 -13.44 -8.52
N LEU D 88 53.64 -12.52 -7.60
CA LEU D 88 52.35 -11.78 -7.61
C LEU D 88 52.20 -11.13 -8.98
N CAS D 89 51.17 -11.55 -9.72
CA CAS D 89 50.83 -10.99 -11.03
CB CAS D 89 51.28 -11.93 -12.16
C CAS D 89 49.33 -10.76 -10.96
O CAS D 89 48.54 -11.72 -11.09
SG CAS D 89 50.53 -11.60 -13.74
AS CAS D 89 51.32 -9.64 -14.50
CE1 CAS D 89 50.86 -9.43 -16.44
CE2 CAS D 89 50.57 -8.07 -13.56
N ILE D 90 48.93 -9.51 -10.69
CA ILE D 90 47.54 -9.11 -10.70
C ILE D 90 47.28 -8.36 -12.01
N GLU D 91 46.54 -8.98 -12.92
CA GLU D 91 46.16 -8.42 -14.24
C GLU D 91 45.37 -7.13 -14.02
N PRO D 92 45.75 -6.02 -14.71
CA PRO D 92 44.94 -4.80 -14.65
C PRO D 92 43.58 -5.01 -15.35
N PHE D 93 42.54 -4.28 -14.92
CA PHE D 93 41.21 -4.25 -15.57
C PHE D 93 41.34 -3.52 -16.91
N SER D 94 40.27 -3.49 -17.70
CA SER D 94 40.19 -2.81 -19.01
C SER D 94 40.46 -1.31 -18.84
N SER D 95 40.63 -0.59 -19.94
CA SER D 95 40.89 0.87 -19.94
C SER D 95 39.57 1.62 -20.18
N PRO D 96 39.16 2.50 -19.24
CA PRO D 96 38.06 3.42 -19.51
C PRO D 96 38.43 4.27 -20.72
N PRO D 97 37.52 4.43 -21.71
CA PRO D 97 37.79 5.29 -22.85
C PRO D 97 37.90 6.75 -22.39
N GLU D 98 38.41 7.62 -23.27
CA GLU D 98 38.55 9.06 -22.97
C GLU D 98 37.14 9.64 -22.79
N LEU D 99 36.98 10.58 -21.87
CA LEU D 99 35.67 11.27 -21.61
C LEU D 99 35.21 11.90 -22.92
N PRO D 100 33.94 11.69 -23.35
CA PRO D 100 33.44 12.39 -24.52
C PRO D 100 33.61 13.89 -24.29
N ASP D 101 33.72 14.68 -25.36
CA ASP D 101 33.99 16.15 -25.30
C ASP D 101 32.94 16.84 -24.41
N VAL D 102 31.71 16.32 -24.36
CA VAL D 102 30.52 17.01 -23.78
C VAL D 102 30.35 16.70 -22.28
N MET D 103 31.24 15.92 -21.66
CA MET D 103 31.23 15.62 -20.20
C MET D 103 32.41 16.32 -19.51
N LYS D 104 33.29 16.97 -20.29
CA LYS D 104 34.51 17.65 -19.79
C LYS D 104 34.13 19.01 -19.19
N MET E 1 28.91 -21.20 1.50
CA MET E 1 28.47 -19.98 0.76
C MET E 1 28.62 -20.22 -0.74
N MET E 2 27.51 -20.36 -1.48
CA MET E 2 27.52 -20.61 -2.95
C MET E 2 27.93 -19.32 -3.66
N TYR E 3 29.01 -19.38 -4.45
CA TYR E 3 29.60 -18.27 -5.25
C TYR E 3 29.19 -18.47 -6.72
N VAL E 4 29.42 -17.48 -7.58
CA VAL E 4 29.19 -17.56 -9.05
C VAL E 4 30.27 -16.79 -9.80
N LYS E 5 30.54 -17.19 -11.04
CA LYS E 5 31.64 -16.65 -11.88
C LYS E 5 31.01 -15.75 -12.95
N LEU E 6 31.43 -14.49 -13.00
CA LEU E 6 30.92 -13.47 -13.96
C LEU E 6 32.07 -13.03 -14.88
N ILE E 7 32.30 -13.74 -15.98
CA ILE E 7 33.37 -13.43 -16.98
C ILE E 7 32.98 -12.15 -17.72
N SER E 8 33.92 -11.22 -17.92
CA SER E 8 33.71 -9.99 -18.70
C SER E 8 34.17 -10.19 -20.16
N SER E 9 34.21 -9.10 -20.93
CA SER E 9 34.52 -9.05 -22.39
C SER E 9 36.01 -9.33 -22.62
N ASP E 10 36.84 -9.19 -21.57
CA ASP E 10 38.32 -9.31 -21.62
C ASP E 10 38.78 -10.49 -20.73
N GLY E 11 37.87 -11.40 -20.38
CA GLY E 11 38.21 -12.73 -19.81
C GLY E 11 38.37 -12.73 -18.30
N HIS E 12 38.24 -11.57 -17.64
CA HIS E 12 38.37 -11.42 -16.18
C HIS E 12 37.28 -12.22 -15.45
N GLU E 13 37.68 -13.15 -14.58
CA GLU E 13 36.75 -14.00 -13.82
C GLU E 13 36.40 -13.32 -12.49
N PHE E 14 35.20 -12.72 -12.38
CA PHE E 14 34.68 -12.12 -11.14
C PHE E 14 33.86 -13.16 -10.38
N ILE E 15 34.27 -13.45 -9.15
CA ILE E 15 33.63 -14.47 -8.27
C ILE E 15 32.95 -13.72 -7.12
N VAL E 16 31.62 -13.85 -7.03
CA VAL E 16 30.72 -13.11 -6.10
C VAL E 16 29.76 -14.12 -5.48
N LYS E 17 29.30 -13.91 -4.24
CA LYS E 17 28.28 -14.79 -3.61
C LYS E 17 27.08 -14.89 -4.54
N ARG E 18 26.40 -16.03 -4.60
CA ARG E 18 25.18 -16.25 -5.43
C ARG E 18 24.10 -15.26 -5.01
N GLU E 19 23.83 -15.17 -3.71
CA GLU E 19 22.78 -14.32 -3.08
C GLU E 19 23.06 -12.83 -3.33
N HIS E 20 24.23 -12.45 -3.86
CA HIS E 20 24.60 -11.04 -4.15
C HIS E 20 24.38 -10.73 -5.63
N ALA E 21 24.31 -11.76 -6.48
CA ALA E 21 24.18 -11.64 -7.96
C ALA E 21 22.71 -11.80 -8.38
N LEU E 22 21.84 -12.28 -7.48
CA LEU E 22 20.37 -12.35 -7.69
C LEU E 22 19.72 -11.02 -7.28
N THR E 23 20.55 -10.03 -6.95
CA THR E 23 20.26 -8.58 -6.98
C THR E 23 19.77 -8.21 -8.39
N SER E 24 20.55 -8.55 -9.42
CA SER E 24 20.19 -8.39 -10.86
C SER E 24 19.24 -9.52 -11.28
N GLY E 25 18.05 -9.14 -11.72
CA GLY E 25 17.07 -10.04 -12.36
C GLY E 25 17.63 -10.68 -13.60
N THR E 26 18.20 -9.86 -14.50
CA THR E 26 18.85 -10.31 -15.76
C THR E 26 19.73 -11.53 -15.46
N ILE E 27 20.52 -11.48 -14.37
CA ILE E 27 21.38 -12.61 -13.91
C ILE E 27 20.46 -13.68 -13.32
N LYS E 28 19.61 -13.31 -12.34
CA LYS E 28 18.57 -14.22 -11.77
C LYS E 28 17.98 -15.08 -12.89
N ALA E 29 17.73 -14.46 -14.04
CA ALA E 29 17.13 -15.06 -15.25
C ALA E 29 18.10 -16.08 -15.86
N MET E 30 19.30 -15.62 -16.22
CA MET E 30 20.35 -16.42 -16.90
C MET E 30 20.64 -17.70 -16.09
N LEU E 31 20.59 -17.63 -14.75
CA LEU E 31 20.96 -18.75 -13.84
C LEU E 31 19.81 -19.75 -13.67
N SER E 32 18.55 -19.30 -13.59
CA SER E 32 17.35 -20.19 -13.64
C SER E 32 16.95 -20.47 -15.10
N GLY E 33 17.88 -21.05 -15.89
CA GLY E 33 17.73 -21.28 -17.34
C GLY E 33 18.95 -21.97 -17.93
N THR E 42 26.63 -25.59 -13.52
CA THR E 42 27.03 -24.51 -14.48
C THR E 42 26.78 -23.15 -13.80
N ASN E 43 27.81 -22.60 -13.15
CA ASN E 43 27.76 -21.35 -12.36
C ASN E 43 28.63 -20.25 -12.99
N GLU E 44 29.11 -20.48 -14.23
CA GLU E 44 29.75 -19.45 -15.10
C GLU E 44 28.65 -18.61 -15.75
N VAL E 45 28.93 -17.33 -16.06
CA VAL E 45 28.09 -16.43 -16.90
C VAL E 45 29.04 -15.48 -17.64
N ASN E 46 29.07 -15.52 -18.97
CA ASN E 46 29.96 -14.66 -19.79
C ASN E 46 29.21 -13.39 -20.16
N PHE E 47 29.92 -12.29 -20.39
CA PHE E 47 29.34 -10.98 -20.80
C PHE E 47 30.17 -10.41 -21.95
N ARG E 48 29.89 -10.88 -23.18
CA ARG E 48 30.62 -10.48 -24.41
C ARG E 48 30.67 -8.95 -24.58
N GLU E 49 29.71 -8.21 -24.01
CA GLU E 49 29.56 -6.74 -24.26
C GLU E 49 30.04 -5.90 -23.08
N ILE E 50 30.20 -6.48 -21.88
CA ILE E 50 30.59 -5.72 -20.63
C ILE E 50 32.08 -5.88 -20.37
N PRO E 51 32.90 -4.82 -20.48
CA PRO E 51 34.31 -4.89 -20.06
C PRO E 51 34.51 -4.89 -18.52
N SER E 52 35.73 -5.24 -18.08
CA SER E 52 36.08 -5.55 -16.67
C SER E 52 36.13 -4.28 -15.81
N HIS E 53 36.52 -3.13 -16.39
CA HIS E 53 36.55 -1.82 -15.67
C HIS E 53 35.12 -1.37 -15.31
N VAL E 54 34.13 -1.93 -16.01
CA VAL E 54 32.68 -1.79 -15.69
C VAL E 54 32.28 -2.91 -14.73
N LEU E 55 32.40 -4.16 -15.16
CA LEU E 55 31.83 -5.33 -14.45
C LEU E 55 32.44 -5.46 -13.03
N SER E 56 33.67 -4.98 -12.84
CA SER E 56 34.26 -4.72 -11.50
C SER E 56 33.26 -3.92 -10.66
N LYS E 57 32.92 -2.71 -11.13
CA LYS E 57 32.04 -1.72 -10.45
C LYS E 57 30.64 -2.30 -10.17
N VAL E 58 30.09 -3.09 -11.10
CA VAL E 58 28.74 -3.72 -10.95
C VAL E 58 28.74 -4.63 -9.72
N CYS E 59 29.78 -5.47 -9.59
CA CYS E 59 29.95 -6.42 -8.46
C CYS E 59 30.09 -5.66 -7.14
N MET E 60 30.67 -4.44 -7.17
CA MET E 60 30.75 -3.56 -5.98
C MET E 60 29.32 -3.13 -5.59
N TYR E 61 28.51 -2.72 -6.57
CA TYR E 61 27.08 -2.32 -6.37
C TYR E 61 26.36 -3.46 -5.63
N PHE E 62 26.50 -4.68 -6.15
CA PHE E 62 25.86 -5.91 -5.62
C PHE E 62 26.09 -5.98 -4.11
N THR E 63 27.35 -5.89 -3.67
CA THR E 63 27.78 -5.84 -2.25
C THR E 63 27.10 -4.64 -1.56
N TYR E 64 27.20 -3.47 -2.19
CA TYR E 64 26.69 -2.16 -1.71
C TYR E 64 25.21 -2.27 -1.40
N LYS E 65 24.46 -2.88 -2.32
CA LYS E 65 22.98 -2.98 -2.22
C LYS E 65 22.61 -3.96 -1.11
N VAL E 66 23.26 -5.13 -1.05
CA VAL E 66 22.91 -6.19 -0.06
C VAL E 66 23.23 -5.68 1.35
N ARG E 67 24.28 -4.87 1.49
CA ARG E 67 24.76 -4.39 2.81
C ARG E 67 23.80 -3.32 3.33
N TYR E 68 23.45 -2.33 2.49
CA TYR E 68 22.85 -1.03 2.93
C TYR E 68 21.32 -0.97 2.72
N THR E 69 20.72 -1.83 1.89
CA THR E 69 19.25 -1.92 1.70
C THR E 69 18.63 -2.46 3.00
N ASN E 70 17.73 -1.67 3.61
CA ASN E 70 17.03 -1.96 4.90
C ASN E 70 18.01 -1.77 6.07
N SER E 71 18.96 -0.86 5.93
CA SER E 71 20.00 -0.59 6.93
C SER E 71 19.62 0.65 7.74
N SER E 72 19.60 0.52 9.07
CA SER E 72 19.42 1.64 10.03
C SER E 72 20.70 2.48 10.11
N THR E 73 21.79 2.00 9.52
CA THR E 73 23.12 2.68 9.48
C THR E 73 23.07 3.81 8.47
N GLU E 74 23.80 4.90 8.73
CA GLU E 74 24.08 5.98 7.74
C GLU E 74 24.49 5.32 6.43
N ILE E 75 23.96 5.80 5.30
CA ILE E 75 24.23 5.20 3.97
C ILE E 75 25.15 6.13 3.19
N PRO E 76 26.28 5.60 2.67
CA PRO E 76 27.23 6.39 1.88
C PRO E 76 26.94 6.37 0.36
N GLU E 77 27.36 7.43 -0.33
CA GLU E 77 27.19 7.55 -1.80
C GLU E 77 27.81 6.31 -2.48
N PHE E 78 27.26 5.89 -3.61
CA PHE E 78 27.94 4.92 -4.51
C PHE E 78 28.80 5.73 -5.47
N PRO E 79 30.15 5.61 -5.41
CA PRO E 79 31.03 6.44 -6.23
C PRO E 79 31.07 5.95 -7.68
N ILE E 80 30.93 6.87 -8.64
CA ILE E 80 31.06 6.54 -10.09
C ILE E 80 31.93 7.60 -10.77
N ALA E 81 33.12 7.18 -11.19
CA ALA E 81 34.13 8.00 -11.89
C ALA E 81 33.59 8.40 -13.26
N PRO E 82 33.67 9.70 -13.62
CA PRO E 82 33.19 10.16 -14.92
C PRO E 82 33.44 9.22 -16.10
N GLU E 83 34.61 8.58 -16.17
CA GLU E 83 35.12 7.89 -17.38
C GLU E 83 34.36 6.57 -17.62
N ILE E 84 33.71 6.03 -16.59
CA ILE E 84 32.99 4.72 -16.66
C ILE E 84 31.48 4.94 -16.74
N ALA E 85 31.01 6.17 -16.51
CA ALA E 85 29.60 6.52 -16.24
C ALA E 85 28.70 6.11 -17.42
N LEU E 86 29.14 6.36 -18.65
CA LEU E 86 28.34 6.14 -19.89
C LEU E 86 28.14 4.64 -20.15
N GLU E 87 29.16 3.81 -19.89
CA GLU E 87 29.13 2.33 -20.11
C GLU E 87 28.44 1.63 -18.93
N LEU E 88 28.58 2.18 -17.72
CA LEU E 88 28.01 1.60 -16.48
C LEU E 88 26.48 1.80 -16.46
N LEU E 89 26.01 2.95 -16.92
CA LEU E 89 24.57 3.24 -17.15
C LEU E 89 23.99 2.18 -18.10
N MET E 90 24.68 1.89 -19.20
CA MET E 90 24.21 0.94 -20.22
C MET E 90 24.22 -0.48 -19.66
N ALA E 91 25.12 -0.76 -18.71
CA ALA E 91 25.16 -2.05 -17.97
C ALA E 91 23.98 -2.12 -17.01
N ALA E 92 23.86 -1.12 -16.12
CA ALA E 92 22.75 -1.00 -15.14
C ALA E 92 21.45 -1.43 -15.82
N ASN E 93 21.18 -0.80 -16.98
CA ASN E 93 19.91 -0.92 -17.75
C ASN E 93 19.79 -2.35 -18.28
N PHE E 94 20.85 -2.93 -18.84
CA PHE E 94 20.83 -4.31 -19.39
C PHE E 94 20.52 -5.32 -18.27
N LEU E 95 20.96 -5.01 -17.04
CA LEU E 95 20.87 -5.93 -15.86
C LEU E 95 19.62 -5.55 -15.05
N ASP E 96 19.43 -6.06 -13.83
CA ASP E 96 18.43 -5.44 -12.91
C ASP E 96 19.02 -4.11 -12.43
N CYS E 97 19.68 -4.12 -11.27
CA CYS E 97 20.61 -3.06 -10.78
C CYS E 97 20.02 -1.64 -10.87
N VAL F 11 -4.78 13.08 -1.00
CA VAL F 11 -4.46 12.18 0.16
C VAL F 11 -3.30 12.80 0.98
N LEU F 12 -2.29 13.35 0.30
CA LEU F 12 -1.00 13.77 0.91
C LEU F 12 -1.03 15.25 1.28
N ARG F 13 -1.23 15.53 2.56
CA ARG F 13 -1.24 16.91 3.14
C ARG F 13 -1.18 16.79 4.68
N SER F 14 -0.63 17.81 5.32
CA SER F 14 -0.46 17.91 6.78
C SER F 14 -1.83 18.05 7.42
N VAL F 15 -2.14 17.19 8.40
CA VAL F 15 -3.20 17.44 9.44
C VAL F 15 -2.86 18.75 10.14
N ASN F 16 -3.82 19.68 10.27
CA ASN F 16 -3.63 20.87 11.14
C ASN F 16 -4.03 20.48 12.56
N SER F 17 -3.23 19.61 13.18
CA SER F 17 -3.46 19.08 14.56
C SER F 17 -3.33 20.21 15.58
N ARG F 18 -2.55 21.24 15.26
CA ARG F 18 -2.26 22.42 16.13
C ARG F 18 -1.59 21.97 17.44
N GLU F 19 -0.90 20.81 17.48
CA GLU F 19 -0.09 20.35 18.65
C GLU F 19 1.38 20.30 18.23
N PRO F 20 2.25 21.17 18.80
CA PRO F 20 3.62 21.28 18.30
C PRO F 20 4.46 20.03 18.68
N SER F 21 5.61 19.87 18.03
CA SER F 21 6.53 18.73 18.14
C SER F 21 7.96 19.21 17.86
N GLN F 22 8.87 19.10 18.84
CA GLN F 22 10.31 19.42 18.68
C GLN F 22 10.98 18.30 17.89
N VAL F 23 11.43 18.60 16.66
CA VAL F 23 12.01 17.61 15.70
C VAL F 23 13.44 18.02 15.34
N ILE F 24 14.36 17.05 15.27
CA ILE F 24 15.77 17.25 14.82
C ILE F 24 15.91 16.69 13.39
N PHE F 25 16.07 17.58 12.42
CA PHE F 25 16.52 17.22 11.07
C PHE F 25 18.02 16.92 11.17
N CAS F 26 18.39 15.66 10.87
CA CAS F 26 19.77 15.21 11.01
CB CAS F 26 19.77 14.07 12.07
C CAS F 26 20.17 14.80 9.59
O CAS F 26 19.72 13.77 9.09
SG CAS F 26 21.36 13.36 12.54
AS CAS F 26 22.57 15.12 13.18
CE1 CAS F 26 23.86 15.61 11.72
CE2 CAS F 26 23.54 14.64 14.85
N ASN F 27 20.98 15.65 8.95
CA ASN F 27 21.51 15.31 7.63
C ASN F 27 22.64 14.29 7.83
N ARG F 28 22.32 13.01 7.65
CA ARG F 28 23.29 11.89 7.64
C ARG F 28 23.52 11.50 6.17
N SER F 29 23.82 12.48 5.32
CA SER F 29 24.05 12.27 3.88
C SER F 29 25.10 13.29 3.40
N PRO F 30 25.86 12.92 2.34
CA PRO F 30 26.81 13.86 1.73
C PRO F 30 26.12 15.00 0.96
N ARG F 31 24.82 14.88 0.67
CA ARG F 31 24.03 15.89 -0.11
C ARG F 31 23.67 17.07 0.79
N VAL F 32 23.65 18.27 0.21
CA VAL F 32 22.95 19.45 0.77
C VAL F 32 21.45 19.14 0.66
N VAL F 33 20.74 19.14 1.80
CA VAL F 33 19.35 18.63 1.92
C VAL F 33 18.39 19.84 1.88
N LEU F 34 17.28 19.69 1.12
CA LEU F 34 16.13 20.63 1.10
C LEU F 34 14.93 19.95 1.77
N PRO F 35 14.56 20.34 3.00
CA PRO F 35 13.43 19.73 3.69
C PRO F 35 12.18 20.42 3.17
N VAL F 36 11.15 19.63 2.84
CA VAL F 36 9.90 20.11 2.17
C VAL F 36 8.69 19.70 3.02
N TRP F 37 8.00 20.69 3.60
CA TRP F 37 6.71 20.51 4.31
C TRP F 37 5.59 20.43 3.28
N LEU F 38 4.74 19.41 3.39
CA LEU F 38 3.43 19.35 2.68
C LEU F 38 2.43 20.19 3.48
N ASN F 39 2.01 21.35 2.94
CA ASN F 39 1.09 22.26 3.65
C ASN F 39 -0.32 21.66 3.66
N PHE F 40 -1.29 22.42 4.15
CA PHE F 40 -2.65 21.94 4.48
C PHE F 40 -3.45 21.64 3.20
N ASP F 41 -3.04 22.22 2.06
CA ASP F 41 -3.63 21.94 0.72
C ASP F 41 -2.86 20.83 0.01
N GLY F 42 -1.79 20.30 0.61
CA GLY F 42 -0.93 19.25 0.03
C GLY F 42 0.09 19.81 -0.97
N GLU F 43 0.28 21.14 -0.95
CA GLU F 43 1.32 21.83 -1.76
C GLU F 43 2.69 21.66 -1.10
N PRO F 44 3.75 21.31 -1.87
CA PRO F 44 5.10 21.18 -1.32
C PRO F 44 5.78 22.53 -1.08
N GLN F 45 5.96 22.89 0.20
CA GLN F 45 6.54 24.19 0.63
C GLN F 45 7.97 23.97 1.10
N PRO F 46 8.99 24.50 0.38
CA PRO F 46 10.39 24.31 0.76
C PRO F 46 10.78 25.13 1.99
N TYR F 47 11.86 24.72 2.67
CA TYR F 47 12.38 25.29 3.94
C TYR F 47 13.89 25.48 3.82
N PRO F 48 14.58 26.14 4.80
CA PRO F 48 16.03 26.34 4.72
C PRO F 48 16.78 25.01 4.58
N THR F 49 17.78 24.96 3.68
CA THR F 49 18.60 23.74 3.35
C THR F 49 19.57 23.43 4.49
N LEU F 50 19.78 22.14 4.80
CA LEU F 50 20.84 21.65 5.71
C LEU F 50 22.12 21.38 4.91
N PRO F 51 23.27 21.99 5.27
CA PRO F 51 24.57 21.52 4.79
C PRO F 51 24.79 20.06 5.21
N PRO F 52 25.62 19.29 4.47
CA PRO F 52 25.83 17.86 4.77
C PRO F 52 26.37 17.61 6.18
N GLY F 53 25.99 16.48 6.78
CA GLY F 53 26.45 16.07 8.12
C GLY F 53 26.15 17.08 9.22
N THR F 54 25.23 18.02 9.00
CA THR F 54 24.79 18.99 10.05
C THR F 54 23.35 18.63 10.49
N GLY F 55 23.00 19.06 11.71
CA GLY F 55 21.68 18.87 12.32
C GLY F 55 21.16 20.16 12.95
N ARG F 56 19.86 20.43 12.79
CA ARG F 56 19.12 21.56 13.44
C ARG F 56 17.86 21.03 14.15
N ARG F 57 17.57 21.56 15.34
CA ARG F 57 16.31 21.29 16.11
C ARG F 57 15.28 22.34 15.71
N ILE F 58 14.17 21.91 15.09
CA ILE F 58 13.14 22.77 14.46
C ILE F 58 11.79 22.58 15.15
N HIS F 59 10.91 23.58 15.05
CA HIS F 59 9.54 23.60 15.64
C HIS F 59 8.53 23.22 14.55
N SER F 60 7.93 22.04 14.64
CA SER F 60 6.87 21.51 13.73
C SER F 60 5.67 21.03 14.56
N TYR F 61 4.73 20.30 13.97
CA TYR F 61 3.45 19.90 14.61
C TYR F 61 3.13 18.44 14.30
N ARG F 62 2.61 17.69 15.29
CA ARG F 62 2.18 16.30 15.09
C ARG F 62 1.37 16.21 13.81
N GLY F 63 1.41 15.08 13.12
CA GLY F 63 0.53 14.81 11.97
C GLY F 63 0.92 15.61 10.74
N HIS F 64 1.85 16.57 10.84
CA HIS F 64 2.41 17.28 9.67
C HIS F 64 3.22 16.29 8.83
N LEU F 65 3.42 16.59 7.55
CA LEU F 65 4.14 15.70 6.61
C LEU F 65 5.32 16.45 6.00
N TRP F 66 6.47 15.76 5.97
CA TRP F 66 7.78 16.25 5.48
C TRP F 66 8.35 15.22 4.52
N LEU F 67 9.02 15.70 3.47
CA LEU F 67 9.93 14.89 2.60
C LEU F 67 11.18 15.72 2.33
N PHE F 68 12.29 15.05 2.00
CA PHE F 68 13.64 15.67 1.84
C PHE F 68 14.22 15.28 0.49
N ARG F 69 14.93 16.23 -0.13
CA ARG F 69 15.45 16.13 -1.51
C ARG F 69 16.84 16.77 -1.54
N ASP F 70 17.68 16.40 -2.51
CA ASP F 70 18.94 17.12 -2.81
C ASP F 70 18.54 18.56 -3.19
N ALA F 71 19.10 19.56 -2.52
CA ALA F 71 18.77 20.99 -2.71
C ALA F 71 19.17 21.44 -4.12
N GLY F 72 20.08 20.69 -4.78
CA GLY F 72 20.68 21.08 -6.07
C GLY F 72 20.14 20.29 -7.23
N THR F 73 19.48 19.15 -6.99
CA THR F 73 19.03 18.21 -8.07
C THR F 73 17.69 17.54 -7.73
N HIS F 74 17.09 17.85 -6.58
CA HIS F 74 15.80 17.27 -6.10
C HIS F 74 15.84 15.74 -6.12
N ASP F 75 17.06 15.16 -6.16
CA ASP F 75 17.29 13.71 -6.01
C ASP F 75 16.67 13.30 -4.67
N GLY F 76 15.85 12.25 -4.67
CA GLY F 76 15.01 11.88 -3.51
C GLY F 76 15.81 11.20 -2.42
N LEU F 77 15.68 11.63 -1.18
CA LEU F 77 16.35 11.03 0.01
C LEU F 77 15.30 10.32 0.86
N LEU F 78 15.75 9.57 1.86
CA LEU F 78 14.88 8.89 2.85
C LEU F 78 14.96 9.64 4.17
N VAL F 79 14.02 9.35 5.07
CA VAL F 79 13.96 9.90 6.45
C VAL F 79 13.50 8.78 7.37
N ASN F 80 14.37 8.33 8.29
CA ASN F 80 14.11 7.14 9.15
C ASN F 80 13.62 6.00 8.26
N GLN F 81 14.38 5.69 7.20
CA GLN F 81 14.28 4.46 6.37
C GLN F 81 13.22 4.63 5.27
N THR F 82 12.34 5.62 5.36
CA THR F 82 11.09 5.72 4.55
C THR F 82 11.05 7.07 3.80
N GLU F 83 10.03 7.27 2.95
CA GLU F 83 9.96 8.39 1.97
C GLU F 83 9.42 9.66 2.65
N LEU F 84 8.55 9.51 3.66
CA LEU F 84 7.83 10.64 4.30
C LEU F 84 8.01 10.61 5.82
N PHE F 85 8.02 11.79 6.44
CA PHE F 85 8.22 11.95 7.90
C PHE F 85 7.04 12.70 8.53
N VAL F 86 6.53 12.13 9.62
CA VAL F 86 5.37 12.66 10.41
C VAL F 86 5.81 12.83 11.85
N PRO F 87 6.15 14.06 12.29
CA PRO F 87 6.51 14.32 13.68
C PRO F 87 5.44 13.78 14.64
N SER F 88 5.80 12.86 15.52
CA SER F 88 4.89 12.33 16.57
C SER F 88 5.06 13.19 17.83
N LEU F 89 4.40 12.79 18.92
CA LEU F 89 4.48 13.46 20.24
C LEU F 89 5.91 13.34 20.79
N ASN F 90 6.48 14.43 21.29
CA ASN F 90 7.71 14.42 22.12
C ASN F 90 7.39 13.75 23.46
N VAL F 91 8.03 12.62 23.76
CA VAL F 91 7.88 11.91 25.07
C VAL F 91 9.01 12.38 26.00
N ASP F 92 8.65 13.04 27.11
CA ASP F 92 9.58 13.59 28.15
C ASP F 92 10.32 14.82 27.62
N GLY F 93 9.79 15.53 26.60
CA GLY F 93 10.41 16.73 26.01
C GLY F 93 11.73 16.41 25.30
N GLN F 94 11.93 15.12 25.03
CA GLN F 94 13.02 14.54 24.20
C GLN F 94 12.61 14.68 22.73
N PRO F 95 13.29 15.52 21.91
CA PRO F 95 12.90 15.72 20.52
C PRO F 95 12.87 14.40 19.75
N ILE F 96 11.97 14.33 18.76
CA ILE F 96 11.89 13.24 17.75
C ILE F 96 13.03 13.46 16.74
N PHE F 97 13.60 12.38 16.22
CA PHE F 97 14.75 12.42 15.29
C PHE F 97 14.29 12.09 13.88
N ALA F 98 14.52 13.03 12.95
CA ALA F 98 14.38 12.82 11.49
C ALA F 98 15.76 12.59 10.92
N ASN F 99 16.14 11.31 10.76
CA ASN F 99 17.48 10.89 10.27
C ASN F 99 17.39 10.76 8.75
N ILE F 100 17.90 11.77 8.04
CA ILE F 100 17.83 11.88 6.56
C ILE F 100 19.09 11.23 5.98
N THR F 101 18.94 10.05 5.35
CA THR F 101 20.06 9.26 4.78
C THR F 101 19.93 9.33 3.26
N LEU F 102 21.01 9.02 2.52
CA LEU F 102 20.91 8.65 1.08
C LEU F 102 20.11 7.36 1.01
N PRO F 103 19.30 7.16 -0.06
CA PRO F 103 18.67 5.87 -0.30
C PRO F 103 19.67 5.00 -1.04
N VAL F 104 19.39 3.70 -1.12
CA VAL F 104 20.15 2.75 -2.00
C VAL F 104 19.61 2.92 -3.43
N TYR F 105 19.90 4.07 -4.07
CA TYR F 105 19.57 4.33 -5.49
C TYR F 105 19.84 3.05 -6.28
N THR F 106 19.05 2.79 -7.30
CA THR F 106 19.38 1.79 -8.34
C THR F 106 20.69 2.25 -8.99
N LEU F 107 21.42 1.32 -9.59
CA LEU F 107 22.65 1.67 -10.35
C LEU F 107 22.25 2.60 -11.50
N LYS F 108 21.15 2.29 -12.20
CA LYS F 108 20.63 3.11 -13.32
C LYS F 108 20.39 4.55 -12.84
N GLU F 109 19.71 4.76 -11.70
CA GLU F 109 19.37 6.11 -11.19
C GLU F 109 20.67 6.83 -10.77
N ARG F 110 21.54 6.14 -10.04
CA ARG F 110 22.83 6.73 -9.59
C ARG F 110 23.68 7.11 -10.81
N CYS F 111 23.68 6.27 -11.86
CA CYS F 111 24.43 6.54 -13.12
C CYS F 111 23.89 7.80 -13.77
N LEU F 112 22.55 7.91 -13.80
CA LEU F 112 21.82 9.06 -14.38
C LEU F 112 22.20 10.34 -13.65
N GLN F 113 22.10 10.33 -12.32
CA GLN F 113 22.49 11.47 -11.46
C GLN F 113 23.86 11.97 -11.91
N VAL F 114 24.82 11.04 -12.03
CA VAL F 114 26.25 11.34 -12.26
C VAL F 114 26.41 11.91 -13.69
N VAL F 115 25.74 11.35 -14.70
CA VAL F 115 25.82 11.85 -16.10
C VAL F 115 25.21 13.25 -16.16
N ARG F 116 24.02 13.43 -15.56
CA ARG F 116 23.34 14.75 -15.47
C ARG F 116 24.30 15.77 -14.86
N SER F 117 25.01 15.37 -13.79
CA SER F 117 25.89 16.26 -12.99
C SER F 117 27.04 16.77 -13.85
N LEU F 118 27.43 16.02 -14.89
CA LEU F 118 28.55 16.35 -15.80
C LEU F 118 28.06 17.04 -17.07
N VAL F 119 26.97 16.54 -17.66
CA VAL F 119 26.48 16.95 -19.02
C VAL F 119 25.48 18.09 -18.89
N LYS F 120 25.70 19.19 -19.64
CA LYS F 120 24.72 20.31 -19.78
C LYS F 120 23.47 19.76 -20.45
N PRO F 121 22.26 20.05 -19.91
CA PRO F 121 21.00 19.46 -20.43
C PRO F 121 20.84 19.46 -21.96
N GLU F 122 21.25 20.55 -22.64
CA GLU F 122 21.19 20.67 -24.13
C GLU F 122 21.83 19.44 -24.77
N ASN F 123 23.01 19.05 -24.27
CA ASN F 123 23.92 18.06 -24.92
C ASN F 123 23.53 16.62 -24.60
N TYR F 124 22.51 16.37 -23.76
CA TYR F 124 21.97 15.00 -23.50
C TYR F 124 21.72 14.30 -24.84
N ARG F 125 21.12 15.01 -25.80
CA ARG F 125 20.84 14.56 -27.19
C ARG F 125 22.17 14.24 -27.92
N ARG F 126 23.28 14.85 -27.51
CA ARG F 126 24.60 14.83 -28.20
C ARG F 126 25.53 13.74 -27.62
N LEU F 127 24.96 12.69 -26.98
CA LEU F 127 25.68 11.47 -26.51
C LEU F 127 25.36 10.29 -27.43
N ASP F 128 26.11 9.20 -27.31
CA ASP F 128 25.96 7.98 -28.16
C ASP F 128 25.29 6.90 -27.30
N ILE F 129 24.00 7.07 -27.03
CA ILE F 129 23.14 6.12 -26.24
C ILE F 129 21.73 6.16 -26.82
N VAL F 130 20.97 5.06 -26.69
CA VAL F 130 19.60 4.90 -27.26
C VAL F 130 18.70 6.03 -26.75
N ARG F 131 17.76 6.47 -27.58
CA ARG F 131 16.78 7.53 -27.28
C ARG F 131 15.94 7.18 -26.04
N SER F 132 15.87 5.89 -25.65
CA SER F 132 15.28 5.44 -24.37
C SER F 132 15.98 6.13 -23.19
N LEU F 133 17.30 6.27 -23.23
CA LEU F 133 18.12 6.79 -22.09
C LEU F 133 18.14 8.33 -22.07
N TYR F 134 18.11 9.00 -23.23
CA TYR F 134 17.94 10.48 -23.34
C TYR F 134 16.73 10.90 -22.52
N GLU F 135 15.63 10.16 -22.68
CA GLU F 135 14.35 10.38 -21.95
C GLU F 135 14.60 10.26 -20.45
N ASP F 136 15.22 9.16 -20.03
CA ASP F 136 15.60 8.87 -18.61
C ASP F 136 16.46 10.02 -18.09
N LEU F 137 17.34 10.59 -18.91
CA LEU F 137 18.23 11.74 -18.56
C LEU F 137 17.40 13.02 -18.34
N GLU F 138 16.47 13.31 -19.27
CA GLU F 138 15.67 14.56 -19.31
C GLU F 138 14.68 14.57 -18.14
N ASP F 139 14.19 13.39 -17.75
CA ASP F 139 13.25 13.18 -16.62
C ASP F 139 13.97 13.52 -15.30
N HIS F 140 14.41 14.78 -15.13
CA HIS F 140 14.95 15.31 -13.86
C HIS F 140 14.00 14.93 -12.74
N PRO F 141 14.49 14.50 -11.54
CA PRO F 141 13.59 14.16 -10.45
C PRO F 141 12.72 15.39 -10.17
N ASN F 142 11.40 15.19 -10.06
CA ASN F 142 10.38 16.24 -9.79
C ASN F 142 9.61 15.87 -8.53
N VAL F 143 9.47 16.79 -7.57
CA VAL F 143 8.74 16.53 -6.28
C VAL F 143 7.26 16.37 -6.59
N GLN F 144 6.69 17.28 -7.40
CA GLN F 144 5.24 17.28 -7.77
C GLN F 144 4.91 15.93 -8.41
N LYS F 145 5.62 15.55 -9.48
CA LYS F 145 5.42 14.29 -10.23
C LYS F 145 5.53 13.10 -9.26
N ASP F 146 6.41 13.20 -8.26
CA ASP F 146 6.66 12.10 -7.29
C ASP F 146 5.47 12.03 -6.32
N LEU F 147 5.00 13.18 -5.83
CA LEU F 147 3.80 13.27 -4.97
C LEU F 147 2.63 12.59 -5.71
N GLU F 148 2.42 12.94 -6.98
CA GLU F 148 1.38 12.34 -7.87
C GLU F 148 1.60 10.82 -7.93
N ARG F 149 2.81 10.38 -8.29
CA ARG F 149 3.20 8.95 -8.38
C ARG F 149 2.74 8.23 -7.11
N LEU F 150 3.06 8.79 -5.93
CA LEU F 150 2.89 8.14 -4.60
C LEU F 150 1.41 8.10 -4.18
N THR F 151 0.55 8.90 -4.81
CA THR F 151 -0.92 8.91 -4.57
C THR F 151 -1.54 7.76 -5.38
N GLN F 152 -1.15 7.60 -6.65
CA GLN F 152 -1.54 6.44 -7.51
C GLN F 152 -1.39 5.14 -6.71
N GLU F 153 -0.34 5.02 -5.90
CA GLU F 153 -0.12 3.91 -4.91
C GLU F 153 -0.57 4.37 -3.51
C1 QFF G . 0.13 6.77 32.55
C2 QFF G . -4.80 3.34 28.95
N1 QFF G . -5.15 3.77 30.31
C3 QFF G . -6.46 4.41 30.38
C4 QFF G . -6.96 4.32 28.92
C5 QFF G . -5.68 4.24 28.10
C6 QFF G . -4.39 3.64 31.42
C7 QFF G . -3.03 2.95 31.29
O1 QFF G . -4.75 4.08 32.48
C8 QFF G . -2.82 1.83 32.31
C9 QFF G . -7.39 3.69 31.34
O2 QFF G . -5.06 5.51 28.02
C10 QFF G . -1.36 1.38 32.33
C11 QFF G . -3.73 0.65 31.99
C12 QFF G . -1.99 4.01 31.43
C13 QFF G . -1.70 4.91 32.39
C14 QFF G . -0.60 5.64 31.88
N2 QFF G . -0.25 5.24 30.71
O3 QFF G . -1.15 4.18 30.39
O4 QFF G . -7.32 2.47 31.47
N3 QFF G . -8.26 4.46 32.03
O5 QFF G . -9.46 3.98 32.72
C15 QFF G . -10.62 3.65 32.00
C16 QFF G . -11.60 2.83 32.54
C17 QFF G . -12.73 2.52 31.78
C18 QFF G . -12.89 3.02 30.49
C19 QFF G . -11.89 3.85 29.98
C20 QFF G . -10.77 4.16 30.72
C21 QFF G . -14.08 2.70 29.67
S1 QFF G . -13.95 2.30 27.98
C22 QFF G . -15.62 1.96 27.98
N4 QFF G . -16.22 2.01 29.13
C23 QFF G . -15.40 2.65 30.04
C24 QFF G . -16.00 3.23 31.28
C1 QFF H . -0.24 26.69 14.10
C2 QFF H . 4.96 24.09 9.14
N1 QFF H . 5.16 25.02 10.26
C3 QFF H . 6.42 24.77 10.96
C4 QFF H . 6.96 23.50 10.30
C5 QFF H . 5.80 22.89 9.52
C6 QFF H . 4.33 26.00 10.70
C7 QFF H . 2.94 26.15 10.08
O1 QFF H . 4.65 26.74 11.62
C8 QFF H . 2.89 27.39 9.18
C9 QFF H . 7.39 25.95 10.82
O2 QFF H . 5.06 22.03 10.36
C10 QFF H . 1.58 27.41 8.41
C11 QFF H . 3.08 28.71 9.90
C12 QFF H . 1.94 26.09 11.21
C13 QFF H . 1.52 26.94 12.16
C14 QFF H . 0.57 26.22 12.93
N2 QFF H . 0.45 25.00 12.49
O3 QFF H . 1.33 24.90 11.39
O4 QFF H . 7.39 26.65 9.80
N3 QFF H . 8.25 26.16 11.84
O5 QFF H . 9.41 27.03 11.75
C15 QFF H . 10.64 26.62 11.21
C16 QFF H . 11.63 27.54 10.90
C17 QFF H . 12.82 27.11 10.33
C18 QFF H . 13.06 25.75 10.08
C19 QFF H . 12.05 24.85 10.39
C20 QFF H . 10.85 25.26 10.96
C21 QFF H . 14.33 25.28 9.48
S1 QFF H . 14.38 23.88 8.47
C22 QFF H . 16.05 24.04 8.36
N4 QFF H . 16.58 24.92 9.15
C23 QFF H . 15.60 25.78 9.59
C24 QFF H . 16.01 27.12 10.13
#